data_4F2M
#
_entry.id   4F2M
#
_cell.length_a   82.770
_cell.length_b   106.050
_cell.length_c   103.520
_cell.angle_alpha   90.00
_cell.angle_beta   95.13
_cell.angle_gamma   90.00
#
_symmetry.space_group_name_H-M   'P 1 21 1'
#
loop_
_entity.id
_entity.type
_entity.pdbx_description
1 polymer 'monoclonal antibody 1AF10, heavy chain'
2 polymer 'monoclonal antibody 1AF10, light chain'
3 polymer 'Spike protein'
4 branched 2-acetamido-2-deoxy-beta-D-glucopyranose-(1-4)-2-acetamido-2-deoxy-beta-D-glucopyranose
5 non-polymer 'ACETIC ACID'
6 non-polymer 2-acetamido-2-deoxy-beta-D-glucopyranose
7 water water
#
loop_
_entity_poly.entity_id
_entity_poly.type
_entity_poly.pdbx_seq_one_letter_code
_entity_poly.pdbx_strand_id
1 'polypeptide(L)'
;QVQLQQSGPELVKPGASVKISCKASGYAFSSSWMNWVKQRPGQGLEWIGRIYPGDGETNYSEKFKGKATLTADKSSSTAY
MHLSSLTSVDSAVYFCARGGYRYDPYYAMDYWGQGTSVTVSSAKTTAPSVYPLAPVCGDTTGSSVTLGCLVKGYFPEPVT
LTWNSGSLSSGVHTFPAVLQSDLYTLSSSVTVTSSTWPSQSITCNVAHPASSTKVDKKIEP
;
A,C
2 'polypeptide(L)'
;DILLTQSPAILSVSPGERVSLSCRASQSIGTSIHWYQQRTNGSPRPLIKYASESISGIPSRFSGSGSGTDFTLNINSVES
EDIADYFCQQTDSWPTTFGAGTKLELKRADAAPTVSIFPPSSEQLTSGGASVVCFLNNFYPKDINVKWKIDGSERQNGVL
NSWTDQDSKDSTYSMSSTLTLTKDEYERHNSYTCEATHKTSTSPIVKSFNRNEC
;
B,D
3 'polypeptide(L)'
;YPYDVPDYAGAQPARSPGLVPRGSRTANLNNGFYPVSSSEVGLVNKSVVLLPSFYTHTIVNITIDLGMKRSGYGQPIAST
LSNITLPMQDNNTDVYCIRSDQFSVYVHSTCKSSLWDNIFKRNCTDVLDATAVIKTGTCPFSFDKLNNYLTFNKFCLSLS
PVGANCKFDVAARTRTNEQVVRSLYVIYEEGDNIVLVPRGSDYKDDDDK
;
E,F
#
# COMPACT_ATOMS: atom_id res chain seq x y z
N GLN A 1 -50.68 -25.69 -23.00
CA GLN A 1 -51.47 -26.85 -22.62
C GLN A 1 -50.54 -27.93 -22.12
N VAL A 2 -50.06 -27.75 -20.89
CA VAL A 2 -48.94 -28.52 -20.38
C VAL A 2 -49.26 -29.99 -20.13
N GLN A 3 -48.52 -30.86 -20.82
CA GLN A 3 -48.55 -32.28 -20.50
C GLN A 3 -47.17 -32.93 -20.56
N LEU A 4 -46.98 -33.98 -19.77
CA LEU A 4 -45.73 -34.74 -19.76
C LEU A 4 -46.01 -36.21 -20.03
N GLN A 5 -45.64 -36.70 -21.21
CA GLN A 5 -45.85 -38.11 -21.52
C GLN A 5 -44.63 -38.95 -21.12
N GLN A 6 -44.82 -39.91 -20.22
CA GLN A 6 -43.73 -40.77 -19.78
C GLN A 6 -43.65 -42.07 -20.57
N SER A 7 -42.51 -42.75 -20.50
CA SER A 7 -42.30 -44.01 -21.22
C SER A 7 -43.11 -45.14 -20.57
N GLY A 8 -43.29 -46.21 -21.33
CA GLY A 8 -44.07 -47.35 -20.88
C GLY A 8 -43.49 -48.07 -19.68
N PRO A 9 -44.26 -49.01 -19.11
CA PRO A 9 -43.85 -49.81 -17.95
C PRO A 9 -42.62 -50.66 -18.27
N GLU A 10 -41.67 -50.71 -17.33
CA GLU A 10 -40.48 -51.53 -17.50
C GLU A 10 -40.54 -52.77 -16.61
N LEU A 11 -39.92 -53.84 -17.07
CA LEU A 11 -39.86 -55.08 -16.31
C LEU A 11 -38.46 -55.61 -16.45
N VAL A 12 -37.67 -55.46 -15.39
CA VAL A 12 -36.22 -55.64 -15.50
C VAL A 12 -35.63 -56.55 -14.44
N LYS A 13 -34.57 -57.26 -14.82
CA LYS A 13 -33.85 -58.14 -13.91
C LYS A 13 -32.92 -57.36 -12.99
N PRO A 14 -32.66 -57.89 -11.79
CA PRO A 14 -31.75 -57.25 -10.82
C PRO A 14 -30.33 -57.15 -11.38
N GLY A 15 -29.67 -56.03 -11.12
CA GLY A 15 -28.31 -55.81 -11.58
C GLY A 15 -28.27 -55.13 -12.94
N ALA A 16 -29.41 -55.15 -13.62
CA ALA A 16 -29.54 -54.46 -14.90
C ALA A 16 -29.82 -52.99 -14.65
N SER A 17 -29.93 -52.23 -15.73
CA SER A 17 -30.20 -50.80 -15.65
C SER A 17 -31.45 -50.45 -16.43
N VAL A 18 -32.00 -49.28 -16.15
CA VAL A 18 -33.21 -48.83 -16.85
C VAL A 18 -33.06 -47.34 -17.14
N LYS A 19 -33.81 -46.85 -18.12
CA LYS A 19 -33.79 -45.44 -18.46
C LYS A 19 -35.19 -45.00 -18.85
N ILE A 20 -35.78 -44.11 -18.06
CA ILE A 20 -37.15 -43.69 -18.26
C ILE A 20 -37.24 -42.40 -19.08
N SER A 21 -38.25 -42.32 -19.93
CA SER A 21 -38.44 -41.17 -20.80
C SER A 21 -39.56 -40.27 -20.29
N CYS A 22 -39.51 -39.01 -20.69
CA CYS A 22 -40.50 -38.01 -20.29
C CYS A 22 -40.53 -36.85 -21.28
N LYS A 23 -41.38 -36.93 -22.29
CA LYS A 23 -41.48 -35.85 -23.28
C LYS A 23 -42.48 -34.79 -22.86
N ALA A 24 -42.03 -33.54 -22.83
CA ALA A 24 -42.88 -32.42 -22.40
C ALA A 24 -43.39 -31.63 -23.59
N SER A 25 -44.49 -30.92 -23.38
CA SER A 25 -45.10 -30.10 -24.43
C SER A 25 -46.08 -29.10 -23.82
N GLY A 26 -46.36 -28.02 -24.54
CA GLY A 26 -47.29 -27.01 -24.05
C GLY A 26 -46.65 -25.82 -23.35
N TYR A 27 -45.36 -25.93 -23.02
CA TYR A 27 -44.62 -24.84 -22.39
C TYR A 27 -43.18 -24.91 -22.89
N ALA A 28 -42.34 -23.99 -22.42
CA ALA A 28 -40.94 -23.97 -22.83
C ALA A 28 -40.12 -24.97 -22.01
N PHE A 29 -39.78 -26.10 -22.62
CA PHE A 29 -39.12 -27.20 -21.93
C PHE A 29 -37.77 -26.85 -21.30
N SER A 30 -37.16 -25.77 -21.77
CA SER A 30 -35.81 -25.42 -21.35
C SER A 30 -35.76 -24.45 -20.17
N SER A 31 -36.88 -23.80 -19.87
CA SER A 31 -36.87 -22.72 -18.89
C SER A 31 -37.49 -23.10 -17.55
N SER A 32 -37.94 -24.35 -17.42
CA SER A 32 -38.53 -24.83 -16.17
C SER A 32 -37.84 -26.09 -15.68
N TRP A 33 -37.64 -26.18 -14.37
CA TRP A 33 -37.03 -27.34 -13.75
C TRP A 33 -37.85 -28.60 -14.01
N MET A 34 -37.16 -29.72 -14.21
CA MET A 34 -37.84 -31.00 -14.33
C MET A 34 -37.44 -31.93 -13.18
N ASN A 35 -38.35 -32.13 -12.24
CA ASN A 35 -38.08 -33.01 -11.10
C ASN A 35 -38.46 -34.46 -11.36
N TRP A 36 -37.79 -35.40 -10.68
CA TRP A 36 -38.21 -36.79 -10.71
C TRP A 36 -38.54 -37.32 -9.31
N VAL A 37 -39.72 -37.91 -9.15
CA VAL A 37 -40.17 -38.38 -7.85
C VAL A 37 -40.51 -39.87 -7.85
N LYS A 38 -40.00 -40.59 -6.85
CA LYS A 38 -40.25 -42.01 -6.71
C LYS A 38 -41.43 -42.27 -5.77
N GLN A 39 -42.43 -42.99 -6.26
CA GLN A 39 -43.50 -43.45 -5.39
C GLN A 39 -43.50 -44.96 -5.28
N ARG A 40 -43.41 -45.44 -4.05
CA ARG A 40 -43.40 -46.86 -3.78
C ARG A 40 -44.85 -47.30 -3.55
N PRO A 41 -45.19 -48.53 -3.96
CA PRO A 41 -46.58 -49.01 -3.98
C PRO A 41 -47.39 -48.72 -2.72
N GLY A 42 -46.84 -48.98 -1.55
CA GLY A 42 -47.59 -48.76 -0.33
C GLY A 42 -47.43 -47.38 0.24
N GLN A 43 -46.36 -46.69 -0.18
CA GLN A 43 -45.87 -45.54 0.56
C GLN A 43 -46.04 -44.18 -0.12
N GLY A 44 -45.29 -43.20 0.39
CA GLY A 44 -45.38 -41.82 -0.08
C GLY A 44 -44.40 -41.44 -1.18
N LEU A 45 -44.22 -40.14 -1.36
CA LEU A 45 -43.41 -39.62 -2.45
C LEU A 45 -41.98 -39.34 -2.01
N GLU A 46 -41.02 -39.75 -2.82
CA GLU A 46 -39.61 -39.57 -2.51
C GLU A 46 -38.96 -38.75 -3.61
N TRP A 47 -38.56 -37.52 -3.29
CA TRP A 47 -37.97 -36.67 -4.32
C TRP A 47 -36.62 -37.20 -4.70
N ILE A 48 -36.40 -37.41 -5.99
CA ILE A 48 -35.16 -38.00 -6.49
C ILE A 48 -34.13 -36.95 -6.87
N GLY A 49 -34.58 -35.89 -7.52
CA GLY A 49 -33.66 -34.85 -7.97
C GLY A 49 -34.23 -34.13 -9.18
N ARG A 50 -33.68 -32.96 -9.49
CA ARG A 50 -34.19 -32.17 -10.59
C ARG A 50 -33.11 -31.93 -11.63
N ILE A 51 -33.52 -31.43 -12.79
CA ILE A 51 -32.56 -31.02 -13.82
C ILE A 51 -33.14 -29.86 -14.62
N TYR A 52 -32.32 -28.82 -14.78
CA TYR A 52 -32.70 -27.66 -15.58
C TYR A 52 -32.10 -27.76 -16.98
N PRO A 53 -32.92 -28.16 -17.97
CA PRO A 53 -32.47 -28.43 -19.33
C PRO A 53 -31.71 -27.28 -20.00
N GLY A 54 -31.90 -26.04 -19.51
CA GLY A 54 -31.22 -24.88 -20.08
C GLY A 54 -29.73 -25.09 -20.25
N ASP A 55 -29.13 -25.83 -19.33
CA ASP A 55 -27.74 -26.23 -19.46
C ASP A 55 -27.61 -27.72 -19.19
N GLY A 56 -28.26 -28.18 -18.12
CA GLY A 56 -28.11 -29.54 -17.68
C GLY A 56 -27.67 -29.50 -16.24
N GLU A 57 -27.99 -28.41 -15.55
CA GLU A 57 -27.73 -28.32 -14.12
C GLU A 57 -28.44 -29.48 -13.46
N THR A 58 -27.71 -30.25 -12.68
CA THR A 58 -28.25 -31.48 -12.13
C THR A 58 -28.05 -31.65 -10.63
N ASN A 59 -29.16 -31.70 -9.90
CA ASN A 59 -29.19 -31.97 -8.46
C ASN A 59 -29.59 -33.40 -8.13
N TYR A 60 -29.43 -33.80 -6.88
CA TYR A 60 -29.76 -35.15 -6.45
C TYR A 60 -29.91 -35.21 -4.95
N SER A 61 -30.82 -36.05 -4.48
CA SER A 61 -30.92 -36.34 -3.06
C SER A 61 -29.76 -37.25 -2.69
N GLU A 62 -29.34 -37.20 -1.43
CA GLU A 62 -28.21 -38.02 -1.01
C GLU A 62 -28.49 -39.49 -1.25
N LYS A 63 -29.71 -39.90 -0.92
CA LYS A 63 -30.14 -41.28 -1.09
C LYS A 63 -29.99 -41.78 -2.53
N PHE A 64 -30.09 -40.87 -3.48
CA PHE A 64 -30.18 -41.25 -4.89
C PHE A 64 -28.91 -41.01 -5.72
N LYS A 65 -27.92 -40.36 -5.11
CA LYS A 65 -26.65 -40.15 -5.79
C LYS A 65 -26.02 -41.48 -6.23
N GLY A 66 -25.57 -41.53 -7.47
CA GLY A 66 -24.94 -42.74 -7.98
C GLY A 66 -25.93 -43.71 -8.59
N LYS A 67 -27.18 -43.65 -8.15
CA LYS A 67 -28.21 -44.53 -8.69
C LYS A 67 -28.97 -43.89 -9.84
N ALA A 68 -29.35 -42.62 -9.66
CA ALA A 68 -30.11 -41.91 -10.67
C ALA A 68 -29.25 -40.95 -11.48
N THR A 69 -29.35 -41.06 -12.79
CA THR A 69 -28.73 -40.08 -13.66
C THR A 69 -29.81 -39.40 -14.50
N LEU A 70 -29.82 -38.07 -14.48
CA LEU A 70 -30.83 -37.30 -15.20
C LEU A 70 -30.21 -36.64 -16.43
N THR A 71 -30.87 -36.76 -17.56
CA THR A 71 -30.42 -36.06 -18.76
C THR A 71 -31.60 -35.39 -19.43
N ALA A 72 -31.31 -34.49 -20.36
CA ALA A 72 -32.35 -33.76 -21.07
C ALA A 72 -31.88 -33.40 -22.47
N ASP A 73 -32.55 -33.93 -23.48
CA ASP A 73 -32.31 -33.54 -24.87
C ASP A 73 -33.14 -32.30 -25.15
N LYS A 74 -32.47 -31.16 -25.25
CA LYS A 74 -33.16 -29.88 -25.34
C LYS A 74 -34.06 -29.80 -26.58
N SER A 75 -33.52 -30.14 -27.73
CA SER A 75 -34.28 -30.03 -28.97
C SER A 75 -35.25 -31.18 -29.16
N SER A 76 -35.24 -32.13 -28.23
CA SER A 76 -36.14 -33.27 -28.30
C SER A 76 -37.34 -33.06 -27.38
N SER A 77 -37.19 -32.14 -26.42
CA SER A 77 -38.21 -31.87 -25.42
C SER A 77 -38.43 -33.06 -24.48
N THR A 78 -37.60 -34.08 -24.63
CA THR A 78 -37.69 -35.26 -23.78
C THR A 78 -36.66 -35.23 -22.65
N ALA A 79 -37.10 -35.60 -21.45
CA ALA A 79 -36.20 -35.69 -20.30
C ALA A 79 -36.10 -37.15 -19.87
N TYR A 80 -34.89 -37.59 -19.52
CA TYR A 80 -34.66 -39.00 -19.20
C TYR A 80 -34.17 -39.17 -17.76
N MET A 81 -34.32 -40.39 -17.24
CA MET A 81 -33.74 -40.75 -15.95
C MET A 81 -33.22 -42.18 -16.01
N HIS A 82 -31.92 -42.34 -15.75
CA HIS A 82 -31.27 -43.64 -15.80
C HIS A 82 -31.00 -44.18 -14.40
N LEU A 83 -31.41 -45.42 -14.15
CA LEU A 83 -31.15 -46.07 -12.86
C LEU A 83 -30.19 -47.24 -13.09
N SER A 84 -29.21 -47.37 -12.21
CA SER A 84 -28.20 -48.43 -12.33
C SER A 84 -28.37 -49.50 -11.25
N SER A 85 -27.89 -50.71 -11.55
CA SER A 85 -27.85 -51.79 -10.57
C SER A 85 -29.19 -52.03 -9.86
N LEU A 86 -30.27 -52.09 -10.62
CA LEU A 86 -31.61 -52.23 -10.04
C LEU A 86 -31.73 -53.35 -9.01
N THR A 87 -32.53 -53.10 -7.98
CA THR A 87 -32.78 -54.09 -6.94
C THR A 87 -34.26 -54.12 -6.54
N SER A 88 -34.62 -55.12 -5.76
CA SER A 88 -36.00 -55.29 -5.31
C SER A 88 -36.59 -53.98 -4.78
N VAL A 89 -35.79 -53.23 -4.03
CA VAL A 89 -36.26 -52.01 -3.41
C VAL A 89 -36.39 -50.86 -4.42
N ASP A 90 -35.82 -51.05 -5.60
CA ASP A 90 -35.93 -50.06 -6.67
C ASP A 90 -37.27 -50.16 -7.39
N SER A 91 -37.97 -51.27 -7.19
CA SER A 91 -39.27 -51.45 -7.83
C SER A 91 -40.19 -50.33 -7.37
N ALA A 92 -40.82 -49.65 -8.32
CA ALA A 92 -41.76 -48.59 -7.95
C ALA A 92 -42.31 -47.89 -9.18
N VAL A 93 -43.10 -46.85 -8.95
CA VAL A 93 -43.60 -46.02 -10.04
C VAL A 93 -42.93 -44.65 -9.93
N TYR A 94 -42.29 -44.21 -11.01
CA TYR A 94 -41.52 -42.96 -11.00
C TYR A 94 -42.21 -41.86 -11.79
N PHE A 95 -42.47 -40.73 -11.13
CA PHE A 95 -43.09 -39.58 -11.76
C PHE A 95 -42.04 -38.56 -12.19
N CYS A 96 -42.26 -37.94 -13.35
CA CYS A 96 -41.49 -36.78 -13.74
C CYS A 96 -42.42 -35.57 -13.64
N ALA A 97 -41.92 -34.48 -13.06
CA ALA A 97 -42.79 -33.34 -12.77
C ALA A 97 -42.11 -31.99 -12.99
N ARG A 98 -42.92 -31.00 -13.33
CA ARG A 98 -42.46 -29.66 -13.67
C ARG A 98 -42.24 -28.83 -12.43
N GLY A 99 -41.31 -27.89 -12.50
CA GLY A 99 -41.00 -27.01 -11.38
C GLY A 99 -41.04 -25.56 -11.79
N GLY A 100 -40.35 -24.71 -11.05
CA GLY A 100 -40.33 -23.28 -11.33
C GLY A 100 -39.24 -22.86 -12.29
N TYR A 101 -39.15 -21.56 -12.53
CA TYR A 101 -38.10 -21.02 -13.39
C TYR A 101 -36.76 -21.05 -12.65
N ARG A 102 -35.68 -20.94 -13.42
CA ARG A 102 -34.32 -21.07 -12.90
C ARG A 102 -34.17 -20.81 -11.40
N TYR A 103 -34.21 -19.55 -11.01
CA TYR A 103 -33.83 -19.16 -9.65
C TYR A 103 -34.95 -19.30 -8.62
N ASP A 104 -35.94 -20.12 -8.94
CA ASP A 104 -36.98 -20.44 -7.96
C ASP A 104 -36.44 -21.54 -7.04
N PRO A 105 -36.41 -21.27 -5.72
CA PRO A 105 -35.93 -22.20 -4.71
C PRO A 105 -37.03 -23.06 -4.07
N TYR A 106 -38.25 -22.54 -4.00
CA TYR A 106 -39.30 -23.14 -3.16
C TYR A 106 -40.56 -23.60 -3.91
N TYR A 107 -40.49 -23.64 -5.23
CA TYR A 107 -41.66 -23.95 -6.05
C TYR A 107 -42.38 -25.23 -5.66
N ALA A 108 -43.68 -25.29 -5.98
CA ALA A 108 -44.44 -26.52 -5.94
C ALA A 108 -44.34 -27.15 -7.33
N MET A 109 -44.37 -28.48 -7.39
CA MET A 109 -44.28 -29.15 -8.69
C MET A 109 -45.62 -29.05 -9.43
N ASP A 110 -45.55 -28.44 -10.61
CA ASP A 110 -46.70 -27.95 -11.34
C ASP A 110 -47.54 -29.06 -11.97
N TYR A 111 -47.00 -29.66 -13.01
CA TYR A 111 -47.69 -30.72 -13.74
C TYR A 111 -46.86 -32.00 -13.67
N TRP A 112 -47.54 -33.14 -13.55
CA TRP A 112 -46.85 -34.41 -13.41
C TRP A 112 -47.14 -35.33 -14.59
N GLY A 113 -46.29 -36.31 -14.79
CA GLY A 113 -46.49 -37.32 -15.83
C GLY A 113 -47.40 -38.43 -15.34
N GLN A 114 -47.79 -39.33 -16.23
CA GLN A 114 -48.71 -40.40 -15.85
C GLN A 114 -48.03 -41.44 -14.97
N GLY A 115 -46.73 -41.27 -14.78
CA GLY A 115 -45.94 -42.23 -14.03
C GLY A 115 -45.44 -43.40 -14.84
N THR A 116 -44.29 -43.94 -14.45
CA THR A 116 -43.73 -45.11 -15.09
C THR A 116 -43.53 -46.20 -14.05
N SER A 117 -44.18 -47.34 -14.26
CA SER A 117 -44.01 -48.43 -13.33
C SER A 117 -42.74 -49.18 -13.65
N VAL A 118 -41.89 -49.35 -12.65
CA VAL A 118 -40.68 -50.13 -12.82
C VAL A 118 -40.67 -51.27 -11.82
N THR A 119 -40.77 -52.50 -12.32
CA THR A 119 -40.64 -53.68 -11.46
C THR A 119 -39.28 -54.33 -11.66
N VAL A 120 -38.56 -54.58 -10.57
CA VAL A 120 -37.34 -55.36 -10.64
C VAL A 120 -37.64 -56.78 -10.18
N SER A 121 -37.43 -57.75 -11.06
CA SER A 121 -37.70 -59.12 -10.67
C SER A 121 -36.80 -60.12 -11.37
N SER A 122 -36.44 -61.17 -10.62
CA SER A 122 -35.58 -62.22 -11.13
C SER A 122 -36.43 -63.22 -11.89
N ALA A 123 -37.74 -63.09 -11.76
CA ALA A 123 -38.66 -64.12 -12.23
C ALA A 123 -38.92 -64.12 -13.73
N LYS A 124 -39.23 -65.31 -14.25
CA LYS A 124 -39.50 -65.49 -15.68
C LYS A 124 -40.99 -65.61 -15.95
N THR A 125 -41.37 -65.36 -17.19
CA THR A 125 -42.76 -65.52 -17.59
C THR A 125 -43.24 -66.92 -17.25
N THR A 126 -44.16 -67.03 -16.31
CA THR A 126 -44.81 -68.30 -16.02
C THR A 126 -46.32 -68.16 -16.10
N ALA A 127 -46.98 -69.14 -16.71
CA ALA A 127 -48.42 -69.11 -16.86
C ALA A 127 -49.11 -69.42 -15.53
N PRO A 128 -50.30 -68.85 -15.32
CA PRO A 128 -51.05 -69.01 -14.07
C PRO A 128 -51.58 -70.42 -13.85
N SER A 129 -51.68 -70.82 -12.59
CA SER A 129 -52.41 -72.03 -12.24
C SER A 129 -53.76 -71.68 -11.61
N VAL A 130 -54.85 -72.03 -12.28
CA VAL A 130 -56.18 -71.71 -11.78
C VAL A 130 -56.84 -72.92 -11.09
N TYR A 131 -57.60 -72.67 -10.03
CA TYR A 131 -58.31 -73.73 -9.30
C TYR A 131 -59.69 -73.23 -8.89
N PRO A 132 -60.68 -74.14 -8.87
CA PRO A 132 -62.08 -73.83 -8.53
C PRO A 132 -62.29 -73.75 -7.02
N LEU A 133 -63.11 -72.80 -6.58
CA LEU A 133 -63.41 -72.68 -5.15
C LEU A 133 -64.87 -73.02 -4.84
N ALA A 134 -65.06 -74.00 -3.97
CA ALA A 134 -66.38 -74.50 -3.58
C ALA A 134 -66.43 -74.79 -2.07
N PRO A 135 -67.65 -74.83 -1.49
CA PRO A 135 -67.88 -74.83 -0.05
C PRO A 135 -67.61 -76.17 0.64
N THR A 141 -78.81 -71.94 3.66
CA THR A 141 -78.19 -70.86 2.88
C THR A 141 -78.98 -69.54 3.10
N GLY A 142 -78.37 -68.38 2.76
CA GLY A 142 -78.97 -67.08 3.06
C GLY A 142 -79.51 -66.13 1.99
N SER A 143 -79.54 -66.51 0.72
CA SER A 143 -79.07 -67.79 0.23
C SER A 143 -77.89 -67.54 -0.69
N SER A 144 -77.66 -66.27 -0.97
CA SER A 144 -76.59 -65.86 -1.87
C SER A 144 -75.35 -66.72 -1.60
N VAL A 145 -75.16 -67.73 -2.44
CA VAL A 145 -74.00 -68.61 -2.36
C VAL A 145 -72.80 -67.86 -2.89
N THR A 146 -71.66 -68.00 -2.22
CA THR A 146 -70.45 -67.29 -2.61
C THR A 146 -69.36 -68.26 -3.01
N LEU A 147 -68.80 -68.04 -4.19
CA LEU A 147 -67.84 -68.96 -4.76
C LEU A 147 -66.64 -68.23 -5.31
N GLY A 148 -65.47 -68.81 -5.09
CA GLY A 148 -64.23 -68.21 -5.52
C GLY A 148 -63.60 -68.87 -6.72
N CYS A 149 -62.50 -68.31 -7.18
CA CYS A 149 -61.71 -68.90 -8.24
C CYS A 149 -60.28 -68.49 -7.96
N LEU A 150 -59.45 -69.46 -7.62
CA LEU A 150 -58.07 -69.17 -7.22
C LEU A 150 -57.06 -69.29 -8.36
N VAL A 151 -56.28 -68.24 -8.54
CA VAL A 151 -55.17 -68.28 -9.48
C VAL A 151 -53.87 -68.17 -8.68
N LYS A 152 -52.83 -68.89 -9.12
CA LYS A 152 -51.62 -69.00 -8.32
C LYS A 152 -50.39 -69.30 -9.18
N GLY A 153 -49.23 -68.81 -8.73
CA GLY A 153 -47.96 -69.12 -9.37
C GLY A 153 -47.75 -68.51 -10.74
N TYR A 154 -48.16 -67.26 -10.93
CA TYR A 154 -47.99 -66.61 -12.22
C TYR A 154 -47.03 -65.41 -12.18
N PHE A 155 -46.65 -64.94 -13.36
CA PHE A 155 -45.82 -63.76 -13.50
C PHE A 155 -45.58 -63.49 -14.96
N PRO A 156 -45.52 -62.23 -15.35
CA PRO A 156 -45.79 -61.02 -14.56
C PRO A 156 -47.27 -60.73 -14.40
N GLU A 157 -47.57 -59.57 -13.82
CA GLU A 157 -48.92 -59.06 -13.75
C GLU A 157 -49.18 -58.32 -15.05
N PRO A 158 -50.44 -57.94 -15.31
CA PRO A 158 -51.60 -58.26 -14.48
C PRO A 158 -52.24 -59.53 -14.97
N VAL A 159 -53.28 -59.95 -14.26
CA VAL A 159 -54.16 -61.01 -14.74
C VAL A 159 -55.55 -60.40 -14.83
N THR A 160 -56.32 -60.83 -15.83
CA THR A 160 -57.67 -60.31 -15.97
C THR A 160 -58.68 -61.44 -15.81
N LEU A 161 -59.64 -61.24 -14.90
CA LEU A 161 -60.60 -62.28 -14.56
C LEU A 161 -62.07 -61.85 -14.71
N THR A 162 -62.84 -62.63 -15.46
CA THR A 162 -64.26 -62.35 -15.64
C THR A 162 -65.07 -63.54 -15.16
N TRP A 163 -66.39 -63.44 -15.27
CA TRP A 163 -67.27 -64.54 -14.89
C TRP A 163 -68.36 -64.77 -15.93
N ASN A 164 -68.58 -66.02 -16.30
CA ASN A 164 -69.53 -66.36 -17.35
C ASN A 164 -69.35 -65.46 -18.56
N SER A 165 -68.12 -65.04 -18.80
CA SER A 165 -67.75 -64.21 -19.94
C SER A 165 -68.38 -62.82 -19.93
N GLY A 166 -68.43 -62.22 -18.74
CA GLY A 166 -68.96 -60.87 -18.61
C GLY A 166 -70.45 -60.82 -18.39
N SER A 167 -71.14 -61.93 -18.67
CA SER A 167 -72.55 -62.04 -18.34
C SER A 167 -72.73 -62.40 -16.87
N LEU A 168 -72.06 -61.64 -16.01
CA LEU A 168 -72.18 -61.75 -14.57
C LEU A 168 -71.27 -60.75 -13.88
N SER A 169 -71.87 -59.79 -13.19
CA SER A 169 -71.13 -58.71 -12.54
C SER A 169 -71.90 -58.16 -11.35
N SER A 170 -71.94 -58.90 -10.25
CA SER A 170 -72.75 -58.49 -9.11
C SER A 170 -72.05 -58.66 -7.79
N GLY A 171 -71.85 -59.91 -7.40
CA GLY A 171 -71.20 -60.23 -6.14
C GLY A 171 -69.73 -60.49 -6.35
N VAL A 172 -69.19 -59.97 -7.44
CA VAL A 172 -67.81 -60.22 -7.85
C VAL A 172 -66.79 -59.24 -7.27
N HIS A 173 -65.75 -59.80 -6.65
CA HIS A 173 -64.55 -59.06 -6.23
C HIS A 173 -63.35 -59.77 -6.82
N THR A 174 -62.29 -59.02 -7.11
CA THR A 174 -61.02 -59.62 -7.49
C THR A 174 -59.89 -59.04 -6.63
N PHE A 175 -59.53 -59.78 -5.58
CA PHE A 175 -58.53 -59.32 -4.62
C PHE A 175 -57.23 -58.93 -5.32
N PRO A 176 -56.60 -57.85 -4.85
CA PRO A 176 -55.33 -57.42 -5.44
C PRO A 176 -54.33 -58.55 -5.35
N ALA A 177 -53.54 -58.73 -6.40
CA ALA A 177 -52.55 -59.79 -6.41
C ALA A 177 -51.56 -59.61 -5.25
N VAL A 178 -51.16 -60.73 -4.67
CA VAL A 178 -50.15 -60.71 -3.61
C VAL A 178 -48.94 -61.50 -4.07
N LEU A 179 -47.77 -61.03 -3.67
CA LEU A 179 -46.54 -61.75 -3.91
C LEU A 179 -46.41 -62.77 -2.80
N GLN A 180 -46.33 -64.04 -3.18
CA GLN A 180 -46.28 -65.14 -2.24
C GLN A 180 -44.89 -65.76 -2.22
N SER A 181 -44.18 -65.58 -3.34
CA SER A 181 -43.00 -66.36 -3.65
C SER A 181 -42.16 -65.47 -4.52
N ASP A 182 -41.69 -66.05 -5.61
CA ASP A 182 -41.15 -65.31 -6.71
C ASP A 182 -42.38 -64.81 -7.48
N LEU A 183 -43.52 -65.43 -7.22
CA LEU A 183 -44.71 -65.33 -8.06
C LEU A 183 -45.98 -64.84 -7.34
N TYR A 184 -46.99 -64.49 -8.14
CA TYR A 184 -48.22 -63.88 -7.61
C TYR A 184 -49.36 -64.87 -7.33
N THR A 185 -50.36 -64.39 -6.59
CA THR A 185 -51.57 -65.15 -6.31
C THR A 185 -52.72 -64.22 -5.93
N LEU A 186 -53.83 -64.32 -6.65
CA LEU A 186 -55.03 -63.59 -6.29
C LEU A 186 -56.24 -64.50 -6.33
N SER A 187 -57.34 -64.03 -5.75
CA SER A 187 -58.57 -64.80 -5.73
C SER A 187 -59.73 -63.92 -6.15
N SER A 188 -60.72 -64.52 -6.81
CA SER A 188 -61.96 -63.82 -7.10
C SER A 188 -63.09 -64.36 -6.25
N SER A 189 -64.11 -63.54 -6.07
CA SER A 189 -65.28 -63.94 -5.30
C SER A 189 -66.54 -63.60 -6.05
N VAL A 190 -67.42 -64.58 -6.20
CA VAL A 190 -68.73 -64.34 -6.81
C VAL A 190 -69.84 -64.84 -5.91
N THR A 191 -70.92 -64.08 -5.83
CA THR A 191 -72.03 -64.43 -4.95
C THR A 191 -73.34 -64.38 -5.71
N VAL A 192 -74.15 -65.42 -5.57
CA VAL A 192 -75.39 -65.53 -6.31
C VAL A 192 -76.36 -66.40 -5.52
N THR A 193 -77.59 -66.55 -6.02
CA THR A 193 -78.59 -67.34 -5.32
C THR A 193 -78.44 -68.84 -5.60
N SER A 194 -78.59 -69.66 -4.57
CA SER A 194 -78.52 -71.12 -4.69
C SER A 194 -79.45 -71.62 -5.81
N SER A 195 -80.45 -70.81 -6.14
CA SER A 195 -81.40 -71.12 -7.20
C SER A 195 -80.68 -71.43 -8.51
N THR A 196 -79.90 -70.47 -8.99
CA THR A 196 -79.20 -70.61 -10.26
C THR A 196 -77.98 -71.53 -10.20
N TRP A 197 -77.16 -71.39 -9.17
CA TRP A 197 -76.10 -72.37 -8.98
C TRP A 197 -76.36 -73.16 -7.69
N PRO A 198 -76.17 -74.48 -7.73
CA PRO A 198 -75.51 -75.35 -8.72
C PRO A 198 -76.27 -75.54 -10.05
N SER A 199 -77.47 -74.97 -10.16
CA SER A 199 -78.39 -75.28 -11.26
C SER A 199 -77.91 -74.88 -12.66
N GLN A 200 -77.17 -73.77 -12.75
CA GLN A 200 -76.66 -73.30 -14.05
C GLN A 200 -75.16 -73.07 -13.97
N SER A 201 -74.48 -73.31 -15.08
CA SER A 201 -73.04 -73.27 -15.14
C SER A 201 -72.44 -71.88 -14.91
N ILE A 202 -71.55 -71.77 -13.94
CA ILE A 202 -70.81 -70.53 -13.71
C ILE A 202 -69.30 -70.76 -13.78
N THR A 203 -68.68 -70.20 -14.80
CA THR A 203 -67.26 -70.40 -15.05
C THR A 203 -66.49 -69.09 -14.95
N CYS A 204 -65.43 -69.09 -14.14
CA CYS A 204 -64.56 -67.93 -14.04
C CYS A 204 -63.59 -67.92 -15.21
N ASN A 205 -63.18 -66.73 -15.64
CA ASN A 205 -62.30 -66.59 -16.79
C ASN A 205 -60.99 -65.86 -16.50
N VAL A 206 -59.91 -66.63 -16.40
CA VAL A 206 -58.59 -66.06 -16.13
C VAL A 206 -57.76 -65.94 -17.40
N ALA A 207 -57.32 -64.71 -17.68
CA ALA A 207 -56.45 -64.47 -18.83
C ALA A 207 -55.10 -63.93 -18.37
N HIS A 208 -54.06 -64.25 -19.13
CA HIS A 208 -52.71 -63.80 -18.83
C HIS A 208 -52.05 -63.44 -20.15
N PRO A 209 -51.69 -62.16 -20.31
CA PRO A 209 -51.01 -61.67 -21.51
C PRO A 209 -49.71 -62.44 -21.82
N ALA A 210 -49.41 -63.45 -21.02
CA ALA A 210 -48.48 -64.50 -21.41
C ALA A 210 -49.10 -65.28 -22.57
N SER A 211 -49.94 -64.59 -23.34
CA SER A 211 -50.75 -65.19 -24.39
C SER A 211 -51.24 -66.56 -23.93
N SER A 212 -52.05 -66.54 -22.88
CA SER A 212 -52.53 -67.76 -22.22
C SER A 212 -53.89 -67.49 -21.60
N THR A 213 -54.69 -68.54 -21.44
CA THR A 213 -56.05 -68.38 -20.94
C THR A 213 -56.70 -69.71 -20.58
N LYS A 214 -57.26 -69.78 -19.38
CA LYS A 214 -57.98 -70.97 -18.95
C LYS A 214 -59.31 -70.61 -18.30
N VAL A 215 -60.33 -71.43 -18.56
CA VAL A 215 -61.64 -71.24 -17.94
C VAL A 215 -61.98 -72.42 -17.03
N ASP A 216 -62.49 -72.11 -15.84
CA ASP A 216 -62.85 -73.14 -14.87
C ASP A 216 -64.33 -73.07 -14.49
N LYS A 217 -64.95 -74.23 -14.34
CA LYS A 217 -66.32 -74.31 -13.88
C LYS A 217 -66.30 -74.67 -12.40
N LYS A 218 -67.45 -75.04 -11.85
CA LYS A 218 -67.53 -75.36 -10.43
C LYS A 218 -68.52 -76.49 -10.16
N ILE A 219 -68.27 -77.25 -9.09
CA ILE A 219 -69.08 -78.42 -8.76
C ILE A 219 -69.25 -78.58 -7.23
N ASP B 1 -32.59 -33.66 7.90
CA ASP B 1 -33.68 -34.35 7.23
C ASP B 1 -35.00 -34.14 7.96
N ILE B 2 -35.63 -33.00 7.73
CA ILE B 2 -36.86 -32.62 8.44
C ILE B 2 -38.05 -33.53 8.13
N LEU B 3 -38.61 -34.12 9.19
CA LEU B 3 -39.67 -35.11 9.08
C LEU B 3 -41.04 -34.47 9.16
N LEU B 4 -41.86 -34.68 8.13
CA LEU B 4 -43.24 -34.23 8.14
C LEU B 4 -44.16 -35.33 8.65
N THR B 5 -45.15 -34.94 9.45
CA THR B 5 -46.10 -35.90 10.01
C THR B 5 -47.54 -35.48 9.76
N GLN B 6 -48.28 -36.34 9.06
CA GLN B 6 -49.67 -36.06 8.78
C GLN B 6 -50.58 -36.88 9.67
N SER B 7 -51.62 -36.25 10.19
CA SER B 7 -52.56 -36.91 11.10
C SER B 7 -54.01 -36.55 10.76
N PRO B 8 -54.91 -37.53 10.80
CA PRO B 8 -54.58 -38.94 11.03
C PRO B 8 -54.20 -39.66 9.75
N ALA B 9 -53.74 -40.91 9.85
CA ALA B 9 -53.35 -41.66 8.67
C ALA B 9 -54.53 -41.85 7.72
N ILE B 10 -55.69 -42.17 8.30
CA ILE B 10 -56.90 -42.38 7.54
C ILE B 10 -58.01 -41.54 8.13
N LEU B 11 -58.86 -40.97 7.28
CA LEU B 11 -59.95 -40.15 7.77
C LEU B 11 -61.27 -40.47 7.09
N SER B 12 -62.24 -40.91 7.89
CA SER B 12 -63.57 -41.20 7.40
C SER B 12 -64.39 -39.93 7.22
N VAL B 13 -64.95 -39.76 6.04
CA VAL B 13 -65.73 -38.58 5.73
C VAL B 13 -66.96 -38.92 4.89
N SER B 14 -67.99 -38.09 5.00
CA SER B 14 -69.17 -38.22 4.16
C SER B 14 -69.33 -36.96 3.31
N PRO B 15 -69.96 -37.11 2.14
CA PRO B 15 -70.16 -35.95 1.27
C PRO B 15 -70.81 -34.80 2.02
N GLY B 16 -70.37 -33.58 1.73
CA GLY B 16 -70.93 -32.39 2.34
C GLY B 16 -70.28 -31.98 3.64
N GLU B 17 -69.58 -32.93 4.27
CA GLU B 17 -68.90 -32.66 5.53
C GLU B 17 -67.87 -31.57 5.38
N ARG B 18 -67.56 -30.88 6.48
CA ARG B 18 -66.37 -30.07 6.56
C ARG B 18 -65.24 -30.97 7.04
N VAL B 19 -64.04 -30.76 6.52
CA VAL B 19 -62.91 -31.59 6.93
C VAL B 19 -61.63 -30.77 7.02
N SER B 20 -60.73 -31.19 7.89
CA SER B 20 -59.41 -30.57 7.97
C SER B 20 -58.35 -31.66 8.02
N LEU B 21 -57.30 -31.49 7.23
CA LEU B 21 -56.15 -32.39 7.27
C LEU B 21 -54.99 -31.69 7.97
N SER B 22 -54.05 -32.48 8.51
CA SER B 22 -52.97 -31.91 9.31
C SER B 22 -51.58 -32.32 8.83
N CYS B 23 -50.61 -31.43 9.03
CA CYS B 23 -49.22 -31.70 8.70
C CYS B 23 -48.35 -30.90 9.64
N ARG B 24 -47.53 -31.59 10.42
CA ARG B 24 -46.61 -30.96 11.36
C ARG B 24 -45.16 -31.27 11.02
N ALA B 25 -44.38 -30.22 10.78
CA ALA B 25 -42.98 -30.38 10.45
C ALA B 25 -42.14 -30.52 11.73
N SER B 26 -40.96 -31.11 11.61
CA SER B 26 -40.03 -31.15 12.73
C SER B 26 -39.73 -29.74 13.19
N GLN B 27 -39.37 -28.88 12.24
CA GLN B 27 -38.97 -27.52 12.55
C GLN B 27 -39.63 -26.48 11.64
N SER B 28 -39.51 -25.22 12.03
CA SER B 28 -40.08 -24.12 11.27
C SER B 28 -39.68 -24.20 9.80
N ILE B 29 -40.64 -23.92 8.92
CA ILE B 29 -40.38 -23.92 7.48
C ILE B 29 -41.09 -22.74 6.84
N GLY B 30 -41.58 -21.84 7.68
CA GLY B 30 -42.31 -20.67 7.23
C GLY B 30 -43.62 -21.05 6.54
N THR B 31 -43.77 -20.61 5.30
CA THR B 31 -44.93 -20.95 4.51
C THR B 31 -44.50 -21.76 3.30
N SER B 32 -43.24 -22.22 3.34
CA SER B 32 -42.71 -23.05 2.27
C SER B 32 -43.21 -24.49 2.32
N ILE B 33 -44.53 -24.66 2.26
CA ILE B 33 -45.12 -25.99 2.23
C ILE B 33 -46.25 -26.05 1.20
N HIS B 34 -46.38 -27.20 0.55
CA HIS B 34 -47.38 -27.37 -0.49
C HIS B 34 -48.24 -28.55 -0.17
N TRP B 35 -49.44 -28.59 -0.74
CA TRP B 35 -50.36 -29.70 -0.58
C TRP B 35 -50.61 -30.36 -1.92
N TYR B 36 -50.56 -31.69 -1.95
CA TYR B 36 -50.85 -32.42 -3.17
C TYR B 36 -51.98 -33.42 -2.97
N GLN B 37 -52.80 -33.61 -4.01
CA GLN B 37 -53.81 -34.65 -4.00
C GLN B 37 -53.47 -35.75 -5.01
N GLN B 38 -53.78 -36.99 -4.67
CA GLN B 38 -53.55 -38.08 -5.61
C GLN B 38 -54.67 -39.10 -5.55
N ARG B 39 -55.54 -39.08 -6.56
CA ARG B 39 -56.60 -40.06 -6.66
C ARG B 39 -56.00 -41.42 -6.98
N THR B 40 -56.77 -42.48 -6.73
CA THR B 40 -56.28 -43.83 -6.98
C THR B 40 -55.81 -44.00 -8.42
N ASN B 41 -54.71 -44.72 -8.62
CA ASN B 41 -54.15 -44.95 -9.94
C ASN B 41 -53.74 -43.67 -10.65
N GLY B 42 -53.94 -42.54 -9.98
CA GLY B 42 -53.67 -41.24 -10.57
C GLY B 42 -52.28 -40.69 -10.28
N SER B 43 -52.10 -39.42 -10.62
CA SER B 43 -50.83 -38.74 -10.44
C SER B 43 -51.07 -37.56 -9.51
N PRO B 44 -50.08 -37.23 -8.65
CA PRO B 44 -50.22 -36.11 -7.72
C PRO B 44 -50.65 -34.81 -8.40
N ARG B 45 -51.20 -33.88 -7.62
CA ARG B 45 -51.68 -32.60 -8.14
C ARG B 45 -51.70 -31.57 -7.02
N PRO B 46 -51.20 -30.36 -7.31
CA PRO B 46 -51.06 -29.28 -6.33
C PRO B 46 -52.40 -28.63 -6.00
N LEU B 47 -52.83 -28.72 -4.74
CA LEU B 47 -54.10 -28.16 -4.33
C LEU B 47 -53.88 -26.76 -3.77
N ILE B 48 -52.99 -26.68 -2.79
CA ILE B 48 -52.69 -25.41 -2.16
C ILE B 48 -51.19 -25.17 -2.20
N LYS B 49 -50.82 -23.93 -2.48
CA LYS B 49 -49.43 -23.57 -2.66
C LYS B 49 -48.99 -22.66 -1.51
N TYR B 50 -47.77 -22.82 -1.02
CA TYR B 50 -47.25 -22.01 0.09
C TYR B 50 -48.31 -21.91 1.20
N ALA B 51 -48.85 -23.08 1.52
CA ALA B 51 -50.01 -23.29 2.41
C ALA B 51 -50.95 -22.14 2.75
N SER B 52 -51.58 -21.54 1.73
CA SER B 52 -52.70 -20.63 1.93
C SER B 52 -53.03 -20.05 0.57
N GLU B 53 -51.98 -19.94 -0.23
CA GLU B 53 -52.09 -19.50 -1.60
C GLU B 53 -52.96 -20.46 -2.38
N SER B 54 -53.94 -19.91 -3.09
CA SER B 54 -54.86 -20.74 -3.87
C SER B 54 -54.28 -20.96 -5.26
N ILE B 55 -54.64 -22.08 -5.88
CA ILE B 55 -54.13 -22.39 -7.22
C ILE B 55 -55.25 -22.31 -8.25
N SER B 56 -54.96 -21.66 -9.36
CA SER B 56 -55.95 -21.50 -10.42
C SER B 56 -56.44 -22.86 -10.89
N GLY B 57 -57.76 -23.01 -10.97
CA GLY B 57 -58.35 -24.27 -11.38
C GLY B 57 -58.85 -25.14 -10.24
N ILE B 58 -58.32 -24.91 -9.05
CA ILE B 58 -58.80 -25.62 -7.86
C ILE B 58 -60.07 -25.01 -7.31
N PRO B 59 -61.08 -25.84 -7.05
CA PRO B 59 -62.41 -25.46 -6.54
C PRO B 59 -62.33 -24.71 -5.22
N SER B 60 -63.27 -23.79 -5.01
CA SER B 60 -63.26 -22.92 -3.84
C SER B 60 -63.19 -23.66 -2.51
N ARG B 61 -63.57 -24.93 -2.48
CA ARG B 61 -63.65 -25.64 -1.21
C ARG B 61 -62.31 -25.93 -0.57
N PHE B 62 -61.24 -25.89 -1.37
CA PHE B 62 -59.90 -26.10 -0.84
C PHE B 62 -59.26 -24.80 -0.37
N SER B 63 -58.67 -24.84 0.82
CA SER B 63 -57.97 -23.69 1.37
C SER B 63 -56.89 -24.16 2.30
N GLY B 64 -55.85 -23.35 2.46
CA GLY B 64 -54.72 -23.70 3.30
C GLY B 64 -54.54 -22.73 4.46
N SER B 65 -53.98 -23.23 5.54
CA SER B 65 -53.75 -22.40 6.72
C SER B 65 -52.51 -22.85 7.49
N GLY B 66 -51.78 -21.88 8.02
CA GLY B 66 -50.64 -22.18 8.86
C GLY B 66 -49.38 -21.45 8.47
N SER B 67 -48.49 -21.33 9.45
CA SER B 67 -47.16 -20.78 9.26
C SER B 67 -46.29 -21.26 10.41
N GLY B 68 -45.12 -21.79 10.08
CA GLY B 68 -44.20 -22.29 11.08
C GLY B 68 -44.06 -23.80 11.09
N THR B 69 -44.64 -24.44 12.09
CA THR B 69 -44.55 -25.88 12.24
C THR B 69 -45.90 -26.60 12.13
N ASP B 70 -47.01 -25.89 12.38
CA ASP B 70 -48.35 -26.46 12.18
C ASP B 70 -49.00 -25.97 10.88
N PHE B 71 -49.60 -26.90 10.14
CA PHE B 71 -50.34 -26.57 8.93
C PHE B 71 -51.59 -27.39 8.83
N THR B 72 -52.56 -26.89 8.07
CA THR B 72 -53.84 -27.56 7.90
C THR B 72 -54.37 -27.41 6.46
N LEU B 73 -54.93 -28.50 5.93
CA LEU B 73 -55.61 -28.44 4.64
C LEU B 73 -57.12 -28.54 4.84
N ASN B 74 -57.85 -27.58 4.30
CA ASN B 74 -59.30 -27.53 4.52
C ASN B 74 -60.14 -27.84 3.29
N ILE B 75 -61.15 -28.69 3.46
CA ILE B 75 -62.12 -28.95 2.42
C ILE B 75 -63.52 -28.56 2.91
N ASN B 76 -64.01 -27.42 2.44
CA ASN B 76 -65.25 -26.85 2.95
C ASN B 76 -66.47 -27.78 2.91
N SER B 77 -66.82 -28.27 1.73
CA SER B 77 -67.87 -29.26 1.61
C SER B 77 -67.38 -30.42 0.76
N VAL B 78 -67.11 -31.56 1.40
CA VAL B 78 -66.52 -32.69 0.71
C VAL B 78 -67.36 -33.20 -0.46
N GLU B 79 -66.68 -33.48 -1.57
CA GLU B 79 -67.33 -34.06 -2.74
C GLU B 79 -66.82 -35.46 -2.95
N SER B 80 -67.53 -36.25 -3.75
CA SER B 80 -67.15 -37.63 -3.96
C SER B 80 -65.79 -37.75 -4.65
N GLU B 81 -65.48 -36.80 -5.54
CA GLU B 81 -64.19 -36.80 -6.23
C GLU B 81 -63.04 -36.50 -5.27
N ASP B 82 -63.38 -36.09 -4.05
CA ASP B 82 -62.36 -35.76 -3.05
C ASP B 82 -61.74 -36.98 -2.38
N ILE B 83 -62.27 -38.17 -2.64
CA ILE B 83 -61.67 -39.36 -2.07
C ILE B 83 -60.32 -39.56 -2.72
N ALA B 84 -59.26 -39.51 -1.91
CA ALA B 84 -57.92 -39.61 -2.45
C ALA B 84 -56.91 -39.61 -1.32
N ASP B 85 -55.63 -39.64 -1.68
CA ASP B 85 -54.56 -39.45 -0.72
C ASP B 85 -54.08 -38.00 -0.76
N TYR B 86 -53.83 -37.43 0.42
CA TYR B 86 -53.30 -36.06 0.46
C TYR B 86 -51.92 -36.00 1.08
N PHE B 87 -50.99 -35.42 0.36
CA PHE B 87 -49.62 -35.33 0.82
C PHE B 87 -49.20 -33.88 1.00
N CYS B 88 -48.63 -33.56 2.16
CA CYS B 88 -47.99 -32.27 2.35
C CYS B 88 -46.53 -32.35 1.93
N GLN B 89 -45.99 -31.26 1.40
CA GLN B 89 -44.58 -31.24 1.00
C GLN B 89 -43.83 -30.03 1.56
N GLN B 90 -42.73 -30.30 2.24
CA GLN B 90 -41.86 -29.25 2.78
C GLN B 90 -40.78 -28.88 1.74
N THR B 91 -40.62 -27.59 1.49
CA THR B 91 -39.71 -27.16 0.43
C THR B 91 -38.66 -26.17 0.95
N ASP B 92 -38.65 -25.97 2.27
CA ASP B 92 -37.77 -24.99 2.91
C ASP B 92 -36.33 -25.49 3.06
N SER B 93 -36.16 -26.55 3.85
CA SER B 93 -34.83 -27.10 4.13
C SER B 93 -34.49 -28.32 3.27
N TRP B 94 -33.24 -28.39 2.83
CA TRP B 94 -32.74 -29.48 2.01
C TRP B 94 -32.59 -30.80 2.78
N PRO B 95 -33.05 -31.90 2.19
CA PRO B 95 -33.80 -31.88 0.92
C PRO B 95 -35.31 -31.81 1.15
N THR B 96 -36.05 -31.58 0.06
CA THR B 96 -37.49 -31.43 0.13
C THR B 96 -38.19 -32.74 0.49
N THR B 97 -38.89 -32.75 1.61
CA THR B 97 -39.55 -33.97 2.08
C THR B 97 -41.08 -33.97 1.93
N PHE B 98 -41.66 -35.17 1.88
CA PHE B 98 -43.10 -35.33 1.85
C PHE B 98 -43.60 -36.01 3.13
N GLY B 99 -44.87 -35.80 3.45
CA GLY B 99 -45.49 -36.52 4.56
C GLY B 99 -45.95 -37.91 4.15
N ALA B 100 -46.23 -38.75 5.13
CA ALA B 100 -46.71 -40.11 4.86
C ALA B 100 -48.02 -40.12 4.09
N GLY B 101 -48.78 -39.03 4.22
CA GLY B 101 -50.04 -38.89 3.52
C GLY B 101 -51.27 -39.23 4.36
N THR B 102 -52.37 -38.52 4.09
CA THR B 102 -53.65 -38.80 4.72
C THR B 102 -54.66 -39.29 3.69
N LYS B 103 -55.23 -40.46 3.92
CA LYS B 103 -56.15 -41.07 2.97
C LYS B 103 -57.61 -40.86 3.37
N LEU B 104 -58.44 -40.47 2.41
CA LEU B 104 -59.87 -40.31 2.66
C LEU B 104 -60.71 -41.51 2.21
N GLU B 105 -61.50 -42.06 3.13
CA GLU B 105 -62.45 -43.12 2.79
C GLU B 105 -63.88 -42.59 2.87
N LEU B 106 -64.82 -43.30 2.28
CA LEU B 106 -66.24 -42.96 2.46
C LEU B 106 -66.82 -43.63 3.70
N LYS B 107 -67.61 -42.87 4.44
CA LYS B 107 -68.25 -43.37 5.65
C LYS B 107 -69.63 -43.92 5.33
N ARG B 108 -69.95 -45.08 5.90
CA ARG B 108 -71.24 -45.70 5.72
C ARG B 108 -71.60 -46.44 7.01
N ALA B 109 -72.78 -47.06 7.03
CA ALA B 109 -73.21 -47.87 8.16
C ALA B 109 -72.37 -49.13 8.26
N ASP B 110 -72.02 -49.53 9.48
CA ASP B 110 -71.18 -50.70 9.70
C ASP B 110 -71.82 -51.95 9.08
N ALA B 111 -71.01 -52.97 8.85
CA ALA B 111 -71.50 -54.21 8.27
C ALA B 111 -70.53 -55.36 8.53
N ALA B 112 -71.03 -56.58 8.61
CA ALA B 112 -70.23 -57.73 9.00
C ALA B 112 -69.81 -58.58 7.79
N PRO B 113 -68.63 -59.22 7.89
CA PRO B 113 -68.02 -59.98 6.78
C PRO B 113 -68.69 -61.33 6.53
N THR B 114 -69.23 -61.52 5.33
CA THR B 114 -69.69 -62.83 4.90
C THR B 114 -68.48 -63.75 4.76
N VAL B 115 -68.18 -64.53 5.80
CA VAL B 115 -67.06 -65.45 5.74
C VAL B 115 -67.42 -66.72 4.99
N SER B 116 -66.58 -67.08 4.01
CA SER B 116 -66.76 -68.29 3.23
C SER B 116 -65.41 -68.99 3.12
N ILE B 117 -65.32 -70.19 3.70
CA ILE B 117 -64.06 -70.92 3.68
C ILE B 117 -64.04 -71.93 2.53
N PHE B 118 -62.85 -72.29 2.06
CA PHE B 118 -62.74 -73.22 0.95
C PHE B 118 -61.64 -74.24 1.13
N PRO B 119 -61.98 -75.52 0.88
CA PRO B 119 -61.05 -76.65 0.84
C PRO B 119 -60.22 -76.66 -0.44
N PRO B 120 -59.01 -77.21 -0.37
CA PRO B 120 -58.18 -77.42 -1.56
C PRO B 120 -58.96 -78.19 -2.63
N SER B 121 -58.70 -77.87 -3.89
CA SER B 121 -59.35 -78.56 -4.99
C SER B 121 -58.55 -79.79 -5.41
N SER B 122 -59.11 -80.54 -6.36
CA SER B 122 -58.56 -81.84 -6.74
C SER B 122 -57.34 -81.74 -7.68
N GLU B 123 -57.15 -80.58 -8.28
CA GLU B 123 -55.96 -80.34 -9.10
C GLU B 123 -54.82 -79.93 -8.19
N GLN B 124 -55.14 -79.07 -7.23
CA GLN B 124 -54.13 -78.64 -6.28
C GLN B 124 -53.50 -79.88 -5.70
N LEU B 125 -54.29 -80.66 -4.97
CA LEU B 125 -53.75 -81.83 -4.27
C LEU B 125 -53.00 -82.79 -5.18
N THR B 126 -53.41 -82.85 -6.44
CA THR B 126 -52.68 -83.63 -7.43
C THR B 126 -51.23 -83.15 -7.51
N SER B 127 -51.05 -81.86 -7.78
CA SER B 127 -49.75 -81.25 -7.91
C SER B 127 -48.97 -81.25 -6.60
N GLY B 128 -49.30 -82.17 -5.69
CA GLY B 128 -48.79 -82.14 -4.34
C GLY B 128 -49.16 -80.79 -3.78
N GLY B 129 -49.99 -80.10 -4.55
CA GLY B 129 -50.28 -78.71 -4.31
C GLY B 129 -51.45 -78.71 -3.39
N ALA B 130 -51.55 -77.66 -2.61
CA ALA B 130 -52.67 -77.54 -1.74
C ALA B 130 -52.77 -76.06 -1.51
N SER B 131 -53.73 -75.67 -0.69
CA SER B 131 -53.97 -74.30 -0.26
C SER B 131 -55.42 -74.17 0.14
N VAL B 132 -55.67 -73.38 1.16
CA VAL B 132 -57.00 -73.22 1.69
C VAL B 132 -57.26 -71.73 1.82
N VAL B 133 -58.47 -71.32 1.46
CA VAL B 133 -58.77 -69.90 1.36
C VAL B 133 -59.91 -69.50 2.29
N CYS B 134 -60.13 -68.20 2.37
CA CYS B 134 -61.20 -67.66 3.20
C CYS B 134 -61.58 -66.27 2.71
N PHE B 135 -62.84 -66.10 2.33
CA PHE B 135 -63.32 -64.80 1.92
C PHE B 135 -64.04 -64.14 3.08
N LEU B 136 -63.83 -62.84 3.24
CA LEU B 136 -64.55 -62.06 4.25
C LEU B 136 -65.16 -60.86 3.55
N ASN B 137 -66.05 -61.12 2.59
CA ASN B 137 -66.56 -60.09 1.71
C ASN B 137 -67.45 -59.03 2.35
N ASN B 138 -67.47 -57.87 1.70
CA ASN B 138 -68.46 -56.83 1.95
C ASN B 138 -68.68 -56.45 3.42
N PHE B 139 -67.67 -55.88 4.06
CA PHE B 139 -67.80 -55.43 5.45
C PHE B 139 -67.27 -54.02 5.66
N TYR B 140 -67.29 -53.57 6.91
CA TYR B 140 -66.90 -52.23 7.30
C TYR B 140 -67.05 -52.13 8.81
N PRO B 141 -66.16 -51.36 9.48
CA PRO B 141 -65.03 -50.63 8.88
C PRO B 141 -63.88 -51.54 8.47
N LYS B 142 -63.08 -51.02 7.55
CA LYS B 142 -61.87 -51.68 7.07
C LYS B 142 -61.12 -52.41 8.18
N ASP B 143 -60.87 -51.72 9.28
CA ASP B 143 -60.06 -52.26 10.37
C ASP B 143 -60.61 -53.59 10.86
N ILE B 144 -59.97 -54.67 10.42
CA ILE B 144 -60.41 -56.02 10.75
C ILE B 144 -59.20 -56.86 11.19
N ASN B 145 -59.44 -58.13 11.46
CA ASN B 145 -58.42 -58.99 12.05
C ASN B 145 -58.81 -60.47 11.98
N VAL B 146 -57.91 -61.29 11.41
CA VAL B 146 -58.20 -62.70 11.14
C VAL B 146 -57.36 -63.69 11.93
N LYS B 147 -57.86 -64.93 12.06
CA LYS B 147 -57.16 -65.99 12.76
C LYS B 147 -57.42 -67.37 12.15
N TRP B 148 -56.35 -68.02 11.71
CA TRP B 148 -56.41 -69.42 11.30
C TRP B 148 -56.00 -70.29 12.48
N LYS B 149 -56.44 -71.54 12.50
CA LYS B 149 -56.04 -72.46 13.56
C LYS B 149 -56.37 -73.87 13.11
N ILE B 150 -55.64 -74.85 13.62
CA ILE B 150 -55.79 -76.23 13.15
C ILE B 150 -55.68 -77.28 14.28
N ASP B 151 -56.69 -78.15 14.36
CA ASP B 151 -57.16 -78.80 15.61
C ASP B 151 -56.87 -77.97 16.82
N GLY B 152 -57.68 -76.93 16.92
CA GLY B 152 -57.49 -75.89 17.89
C GLY B 152 -56.33 -75.00 17.45
N SER B 153 -55.64 -74.51 18.46
CA SER B 153 -54.65 -73.47 18.37
C SER B 153 -53.97 -73.03 17.06
N GLU B 154 -53.69 -71.74 17.06
CA GLU B 154 -52.84 -70.99 16.13
C GLU B 154 -52.05 -71.79 15.12
N ARG B 155 -52.03 -71.29 13.89
CA ARG B 155 -51.14 -71.80 12.87
C ARG B 155 -50.94 -70.58 12.00
N GLN B 156 -49.70 -70.31 11.63
CA GLN B 156 -49.38 -69.03 11.03
C GLN B 156 -47.97 -68.94 10.49
N ASN B 157 -47.40 -70.10 10.18
CA ASN B 157 -46.37 -70.11 9.17
C ASN B 157 -47.15 -69.82 7.92
N GLY B 158 -46.77 -68.75 7.24
CA GLY B 158 -47.33 -68.38 5.96
C GLY B 158 -48.83 -68.49 5.79
N VAL B 159 -49.53 -67.41 6.14
CA VAL B 159 -50.78 -67.08 5.47
C VAL B 159 -50.56 -65.77 4.77
N LEU B 160 -51.19 -65.62 3.62
CA LEU B 160 -51.10 -64.38 2.87
C LEU B 160 -52.45 -63.69 2.89
N ASN B 161 -52.46 -62.42 3.27
CA ASN B 161 -53.68 -61.65 3.31
C ASN B 161 -53.64 -60.56 2.24
N SER B 162 -54.74 -60.43 1.50
CA SER B 162 -54.89 -59.36 0.53
C SER B 162 -56.13 -58.58 0.91
N TRP B 163 -56.13 -57.29 0.61
CA TRP B 163 -57.24 -56.42 0.98
C TRP B 163 -57.78 -55.69 -0.23
N THR B 164 -59.04 -55.28 -0.14
CA THR B 164 -59.71 -54.61 -1.24
C THR B 164 -59.96 -53.16 -0.89
N ASP B 165 -59.46 -52.26 -1.72
CA ASP B 165 -59.75 -50.85 -1.52
C ASP B 165 -61.26 -50.64 -1.65
N GLN B 166 -61.76 -49.62 -0.95
CA GLN B 166 -63.19 -49.42 -0.80
C GLN B 166 -63.96 -49.64 -2.10
N ASP B 167 -65.18 -50.16 -1.95
CA ASP B 167 -66.04 -50.46 -3.08
C ASP B 167 -66.76 -49.20 -3.55
N SER B 168 -66.78 -49.00 -4.87
CA SER B 168 -67.40 -47.81 -5.45
C SER B 168 -68.90 -47.99 -5.62
N LYS B 169 -69.47 -48.96 -4.91
CA LYS B 169 -70.86 -49.34 -5.11
C LYS B 169 -71.59 -49.37 -3.79
N ASP B 170 -71.13 -50.24 -2.90
CA ASP B 170 -71.72 -50.38 -1.57
C ASP B 170 -70.84 -49.69 -0.53
N SER B 171 -69.67 -49.25 -0.96
CA SER B 171 -68.73 -48.57 -0.06
C SER B 171 -68.26 -49.46 1.09
N THR B 172 -68.00 -50.73 0.80
CA THR B 172 -67.50 -51.66 1.82
C THR B 172 -66.16 -52.26 1.42
N TYR B 173 -65.52 -52.95 2.36
CA TYR B 173 -64.23 -53.58 2.13
C TYR B 173 -64.35 -55.10 2.18
N SER B 174 -63.65 -55.78 1.27
CA SER B 174 -63.58 -57.24 1.28
C SER B 174 -62.12 -57.69 1.44
N MET B 175 -61.92 -58.88 1.99
CA MET B 175 -60.56 -59.38 2.20
C MET B 175 -60.44 -60.88 1.97
N SER B 176 -59.30 -61.31 1.43
CA SER B 176 -59.04 -62.72 1.23
C SER B 176 -57.80 -63.17 1.99
N SER B 177 -57.96 -64.19 2.82
CA SER B 177 -56.83 -64.83 3.47
C SER B 177 -56.62 -66.20 2.85
N THR B 178 -55.43 -66.43 2.31
CA THR B 178 -55.13 -67.72 1.71
C THR B 178 -53.98 -68.40 2.44
N LEU B 179 -54.14 -69.70 2.68
CA LEU B 179 -53.24 -70.46 3.52
C LEU B 179 -52.62 -71.63 2.74
N THR B 180 -51.48 -71.36 2.12
CA THR B 180 -50.86 -72.31 1.17
C THR B 180 -49.94 -73.31 1.85
N LEU B 181 -50.14 -74.59 1.55
CA LEU B 181 -49.40 -75.68 2.19
C LEU B 181 -49.16 -76.85 1.26
N THR B 182 -48.25 -77.73 1.66
CA THR B 182 -48.06 -79.00 0.96
C THR B 182 -49.21 -79.94 1.30
N LYS B 183 -49.24 -81.10 0.63
CA LYS B 183 -50.33 -82.04 0.81
C LYS B 183 -50.15 -82.95 2.03
N ASP B 184 -48.91 -83.28 2.37
CA ASP B 184 -48.63 -84.20 3.48
C ASP B 184 -48.60 -83.40 4.77
N GLU B 185 -48.30 -82.11 4.62
CA GLU B 185 -48.46 -81.12 5.66
C GLU B 185 -49.96 -80.91 5.83
N TYR B 186 -50.73 -81.64 5.03
CA TYR B 186 -52.17 -81.44 4.92
C TYR B 186 -52.91 -82.78 5.08
N GLU B 187 -52.29 -83.87 4.65
CA GLU B 187 -52.79 -85.21 4.91
C GLU B 187 -52.74 -85.38 6.42
N ARG B 188 -51.97 -84.48 7.01
CA ARG B 188 -51.95 -84.25 8.44
C ARG B 188 -53.14 -83.39 8.77
N HIS B 189 -54.30 -84.02 8.74
CA HIS B 189 -55.55 -83.29 8.83
C HIS B 189 -56.06 -83.26 10.25
N ASN B 190 -56.84 -82.22 10.57
CA ASN B 190 -57.42 -82.14 11.90
C ASN B 190 -58.58 -81.12 11.92
N SER B 191 -58.30 -79.81 11.83
CA SER B 191 -59.38 -78.87 11.48
C SER B 191 -59.02 -77.44 11.15
N TYR B 192 -59.80 -76.90 10.22
CA TYR B 192 -59.46 -75.70 9.51
C TYR B 192 -60.53 -74.65 9.70
N THR B 193 -60.55 -74.03 10.88
CA THR B 193 -61.44 -72.92 11.14
C THR B 193 -60.72 -71.63 10.80
N CYS B 194 -61.29 -70.83 9.91
CA CYS B 194 -60.81 -69.48 9.72
C CYS B 194 -61.71 -68.53 10.49
N GLU B 195 -61.39 -68.33 11.76
CA GLU B 195 -62.14 -67.40 12.60
C GLU B 195 -61.95 -66.00 12.06
N ALA B 196 -62.84 -65.09 12.45
CA ALA B 196 -62.74 -63.71 12.05
C ALA B 196 -63.20 -62.80 13.17
N THR B 197 -62.56 -61.65 13.29
CA THR B 197 -62.95 -60.68 14.29
C THR B 197 -63.02 -59.32 13.64
N HIS B 198 -63.89 -58.47 14.17
CA HIS B 198 -64.21 -57.21 13.54
C HIS B 198 -64.95 -56.39 14.58
N LYS B 199 -64.83 -55.07 14.49
CA LYS B 199 -65.52 -54.17 15.41
C LYS B 199 -66.97 -54.58 15.51
N THR B 200 -67.50 -55.04 14.38
CA THR B 200 -68.93 -55.29 14.22
C THR B 200 -69.59 -55.94 15.43
N SER B 201 -68.91 -56.92 16.03
CA SER B 201 -69.41 -57.61 17.22
C SER B 201 -68.36 -58.59 17.70
N THR B 202 -68.54 -59.10 18.92
CA THR B 202 -67.58 -60.05 19.44
C THR B 202 -67.94 -61.47 19.07
N SER B 203 -68.49 -61.63 17.88
CA SER B 203 -68.57 -62.93 17.27
C SER B 203 -67.25 -63.20 16.58
N PRO B 204 -66.32 -63.87 17.25
CA PRO B 204 -65.41 -64.50 16.30
C PRO B 204 -66.26 -65.41 15.44
N ILE B 205 -66.39 -65.09 14.15
CA ILE B 205 -67.16 -65.95 13.28
C ILE B 205 -66.23 -67.01 12.73
N VAL B 206 -66.69 -68.24 12.70
CA VAL B 206 -65.90 -69.33 12.16
C VAL B 206 -66.62 -70.00 11.01
N LYS B 207 -65.84 -70.48 10.06
CA LYS B 207 -66.30 -71.40 9.04
C LYS B 207 -65.15 -72.37 8.91
N SER B 208 -65.46 -73.65 8.81
CA SER B 208 -64.42 -74.66 8.93
C SER B 208 -64.78 -75.92 8.17
N PHE B 209 -63.85 -76.86 8.20
CA PHE B 209 -64.11 -78.19 7.68
C PHE B 209 -63.03 -79.19 8.04
N ASN B 210 -63.43 -80.46 8.00
CA ASN B 210 -62.46 -81.51 7.94
C ASN B 210 -62.55 -82.09 6.54
N ARG B 211 -62.26 -83.37 6.38
CA ARG B 211 -62.11 -83.88 5.03
C ARG B 211 -63.37 -84.41 4.35
N ASN B 212 -63.52 -83.87 3.15
CA ASN B 212 -64.74 -83.17 2.73
C ASN B 212 -66.15 -83.66 2.93
N GLU B 213 -67.05 -82.85 2.37
CA GLU B 213 -68.51 -83.06 2.21
C GLU B 213 -69.38 -81.81 2.47
N GLN C 1 54.66 21.38 18.40
CA GLN C 1 54.74 22.74 17.91
C GLN C 1 54.52 22.82 16.39
N VAL C 2 53.38 23.34 15.98
CA VAL C 2 53.03 23.40 14.56
C VAL C 2 53.74 24.56 13.87
N GLN C 3 54.47 24.26 12.79
CA GLN C 3 55.06 25.31 11.98
C GLN C 3 55.27 24.87 10.52
N LEU C 4 55.00 25.80 9.61
CA LEU C 4 55.07 25.55 8.19
C LEU C 4 56.24 26.32 7.61
N GLN C 5 57.26 25.59 7.15
CA GLN C 5 58.45 26.22 6.56
C GLN C 5 58.37 26.24 5.04
N GLN C 6 58.26 27.43 4.47
CA GLN C 6 58.11 27.57 3.02
C GLN C 6 59.44 27.78 2.28
N SER C 7 59.43 27.52 0.98
CA SER C 7 60.63 27.63 0.16
C SER C 7 61.02 29.08 -0.01
N GLY C 8 62.24 29.30 -0.52
CA GLY C 8 62.77 30.64 -0.72
C GLY C 8 62.03 31.44 -1.79
N PRO C 9 62.39 32.71 -1.94
CA PRO C 9 61.81 33.60 -2.95
C PRO C 9 62.10 33.08 -4.35
N GLU C 10 61.38 33.56 -5.34
CA GLU C 10 61.57 33.09 -6.71
C GLU C 10 61.52 34.22 -7.73
N LEU C 11 62.54 34.28 -8.58
CA LEU C 11 62.51 35.15 -9.74
C LEU C 11 62.44 34.29 -10.98
N VAL C 12 61.41 34.51 -11.79
CA VAL C 12 61.20 33.70 -12.98
C VAL C 12 60.71 34.56 -14.13
N LYS C 13 60.99 34.12 -15.35
CA LYS C 13 60.64 34.89 -16.55
C LYS C 13 59.28 34.43 -17.07
N PRO C 14 58.52 35.35 -17.67
CA PRO C 14 57.15 35.14 -18.13
C PRO C 14 57.00 33.88 -19.00
N GLY C 15 55.87 33.20 -18.84
CA GLY C 15 55.61 31.95 -19.55
C GLY C 15 56.17 30.75 -18.83
N ALA C 16 57.16 30.99 -17.96
CA ALA C 16 57.80 29.91 -17.22
C ALA C 16 56.90 29.31 -16.15
N SER C 17 57.45 28.40 -15.35
CA SER C 17 56.72 27.74 -14.29
C SER C 17 57.54 27.72 -13.01
N VAL C 18 56.87 27.43 -11.89
CA VAL C 18 57.53 27.42 -10.57
C VAL C 18 56.88 26.41 -9.63
N LYS C 19 57.64 25.96 -8.63
CA LYS C 19 57.13 24.98 -7.69
C LYS C 19 57.54 25.34 -6.27
N ILE C 20 56.56 25.74 -5.46
CA ILE C 20 56.81 26.15 -4.08
C ILE C 20 56.82 24.95 -3.14
N SER C 21 57.41 25.14 -1.98
CA SER C 21 57.65 24.04 -1.04
C SER C 21 57.30 24.44 0.39
N CYS C 22 56.43 23.66 1.02
CA CYS C 22 55.97 23.98 2.37
C CYS C 22 56.08 22.78 3.30
N LYS C 23 57.18 22.67 4.04
CA LYS C 23 57.36 21.54 4.95
C LYS C 23 56.63 21.75 6.28
N ALA C 24 55.81 20.78 6.67
CA ALA C 24 55.03 20.88 7.90
C ALA C 24 55.60 20.01 9.01
N SER C 25 55.35 20.41 10.25
CA SER C 25 55.89 19.69 11.39
C SER C 25 55.13 20.07 12.65
N GLY C 26 55.18 19.20 13.66
CA GLY C 26 54.57 19.48 14.95
C GLY C 26 53.17 18.92 15.11
N TYR C 27 52.59 18.48 14.00
CA TYR C 27 51.24 17.90 14.04
C TYR C 27 51.13 16.75 13.03
N ALA C 28 50.03 16.01 13.11
CA ALA C 28 49.79 14.90 12.19
C ALA C 28 49.46 15.43 10.79
N PHE C 29 50.43 15.32 9.89
CA PHE C 29 50.36 15.96 8.58
C PHE C 29 49.33 15.35 7.64
N SER C 30 49.00 14.08 7.83
CA SER C 30 48.13 13.35 6.91
C SER C 30 46.65 13.42 7.24
N SER C 31 46.27 14.27 8.18
CA SER C 31 44.89 14.30 8.64
C SER C 31 44.30 15.71 8.68
N SER C 32 45.00 16.67 8.10
CA SER C 32 44.53 18.05 8.08
C SER C 32 44.78 18.69 6.71
N TRP C 33 43.83 19.51 6.27
CA TRP C 33 43.94 20.19 4.99
C TRP C 33 45.09 21.20 4.95
N MET C 34 45.69 21.37 3.78
CA MET C 34 46.73 22.36 3.59
C MET C 34 46.32 23.35 2.52
N ASN C 35 45.83 24.51 2.95
CA ASN C 35 45.35 25.53 2.03
C ASN C 35 46.46 26.39 1.46
N TRP C 36 46.22 26.98 0.31
CA TRP C 36 47.16 27.92 -0.28
C TRP C 36 46.46 29.24 -0.58
N VAL C 37 47.07 30.33 -0.13
CA VAL C 37 46.47 31.66 -0.26
C VAL C 37 47.40 32.55 -1.04
N LYS C 38 46.82 33.46 -1.82
CA LYS C 38 47.59 34.42 -2.60
C LYS C 38 47.41 35.85 -2.11
N GLN C 39 48.54 36.52 -1.88
CA GLN C 39 48.48 37.91 -1.50
C GLN C 39 49.47 38.70 -2.35
N ARG C 40 48.96 39.67 -3.09
CA ARG C 40 49.83 40.64 -3.74
C ARG C 40 50.24 41.60 -2.65
N PRO C 41 51.29 42.40 -2.89
CA PRO C 41 51.66 43.38 -1.87
C PRO C 41 50.56 44.42 -1.66
N GLY C 42 50.20 44.64 -0.39
CA GLY C 42 49.26 45.67 -0.04
C GLY C 42 47.81 45.40 -0.38
N GLN C 43 47.55 44.30 -1.08
CA GLN C 43 46.18 43.87 -1.32
C GLN C 43 45.73 42.73 -0.40
N GLY C 44 44.44 42.39 -0.47
CA GLY C 44 43.87 41.34 0.37
C GLY C 44 44.28 39.94 -0.03
N LEU C 45 43.62 38.95 0.56
CA LEU C 45 43.94 37.55 0.34
C LEU C 45 42.98 36.86 -0.63
N GLU C 46 43.54 35.96 -1.45
CA GLU C 46 42.76 35.10 -2.34
C GLU C 46 43.05 33.64 -2.01
N TRP C 47 42.01 32.88 -1.68
CA TRP C 47 42.19 31.45 -1.48
C TRP C 47 42.35 30.76 -2.83
N ILE C 48 43.49 30.12 -3.04
CA ILE C 48 43.80 29.45 -4.30
C ILE C 48 43.16 28.07 -4.38
N GLY C 49 43.34 27.29 -3.32
CA GLY C 49 42.86 25.93 -3.29
C GLY C 49 43.45 25.21 -2.09
N ARG C 50 43.20 23.91 -1.99
CA ARG C 50 43.66 23.13 -0.85
C ARG C 50 43.96 21.70 -1.27
N ILE C 51 44.52 20.92 -0.35
CA ILE C 51 44.85 19.53 -0.64
C ILE C 51 44.96 18.70 0.64
N TYR C 52 44.46 17.48 0.58
CA TYR C 52 44.48 16.57 1.73
C TYR C 52 45.59 15.52 1.58
N PRO C 53 46.46 15.42 2.60
CA PRO C 53 47.67 14.59 2.66
C PRO C 53 47.49 13.07 2.49
N GLY C 54 46.66 12.43 3.31
CA GLY C 54 46.50 10.99 3.19
C GLY C 54 45.80 10.62 1.90
N ASP C 55 44.67 11.26 1.69
CA ASP C 55 43.80 11.02 0.54
C ASP C 55 44.38 11.57 -0.76
N GLY C 56 44.77 12.84 -0.75
CA GLY C 56 45.28 13.48 -1.95
C GLY C 56 44.23 14.32 -2.66
N GLU C 57 43.04 14.40 -2.09
CA GLU C 57 41.96 15.17 -2.70
C GLU C 57 42.41 16.60 -2.89
N THR C 58 41.98 17.22 -3.98
CA THR C 58 42.38 18.59 -4.26
C THR C 58 41.17 19.44 -4.64
N ASN C 59 40.99 20.55 -3.92
CA ASN C 59 39.98 21.55 -4.26
C ASN C 59 40.69 22.79 -4.78
N TYR C 60 40.25 23.28 -5.93
CA TYR C 60 40.80 24.51 -6.49
C TYR C 60 39.72 25.58 -6.55
N SER C 61 40.14 26.83 -6.57
CA SER C 61 39.25 27.92 -6.86
C SER C 61 39.19 28.03 -8.36
N GLU C 62 38.19 28.70 -8.89
CA GLU C 62 38.03 28.73 -10.34
C GLU C 62 38.68 29.92 -10.99
N LYS C 63 39.49 30.64 -10.22
CA LYS C 63 40.30 31.68 -10.83
C LYS C 63 41.66 31.07 -11.11
N PHE C 64 42.03 30.11 -10.29
CA PHE C 64 43.35 29.49 -10.36
C PHE C 64 43.30 28.12 -11.01
N LYS C 65 42.27 27.84 -11.80
CA LYS C 65 42.21 26.57 -12.51
C LYS C 65 43.20 26.40 -13.65
N GLY C 66 43.86 25.25 -13.64
CA GLY C 66 44.90 24.94 -14.61
C GLY C 66 46.08 25.87 -14.37
N LYS C 67 45.94 26.71 -13.36
CA LYS C 67 46.94 27.71 -13.03
C LYS C 67 47.79 27.26 -11.86
N ALA C 68 47.18 26.41 -11.02
CA ALA C 68 47.83 25.92 -9.82
C ALA C 68 47.52 24.44 -9.68
N THR C 69 48.48 23.68 -9.16
CA THR C 69 48.28 22.26 -8.96
C THR C 69 48.99 21.86 -7.67
N LEU C 70 48.21 21.43 -6.69
CA LEU C 70 48.73 21.11 -5.37
C LEU C 70 49.15 19.65 -5.26
N THR C 71 50.44 19.45 -5.03
CA THR C 71 50.99 18.10 -4.83
C THR C 71 51.29 17.88 -3.34
N ALA C 72 51.23 16.62 -2.91
CA ALA C 72 51.43 16.31 -1.50
C ALA C 72 52.25 15.04 -1.28
N ASP C 73 53.39 15.21 -0.62
CA ASP C 73 54.31 14.10 -0.33
C ASP C 73 54.17 13.65 1.13
N LYS C 74 53.60 12.47 1.33
CA LYS C 74 53.32 11.97 2.68
C LYS C 74 54.56 11.80 3.55
N SER C 75 55.68 11.43 2.91
CA SER C 75 56.87 11.04 3.65
C SER C 75 57.56 12.22 4.32
N SER C 76 57.85 13.27 3.55
CA SER C 76 58.56 14.44 4.08
C SER C 76 57.65 15.34 4.90
N SER C 77 56.35 15.08 4.81
CA SER C 77 55.37 15.97 5.40
C SER C 77 55.58 17.34 4.79
N THR C 78 55.43 17.41 3.46
CA THR C 78 55.57 18.68 2.75
C THR C 78 54.58 18.77 1.60
N ALA C 79 53.98 19.94 1.44
CA ALA C 79 53.05 20.19 0.35
C ALA C 79 53.64 21.15 -0.66
N TYR C 80 53.24 21.03 -1.91
CA TYR C 80 53.79 21.88 -2.96
C TYR C 80 52.68 22.61 -3.70
N MET C 81 53.08 23.59 -4.52
CA MET C 81 52.15 24.25 -5.42
C MET C 81 52.87 24.65 -6.70
N HIS C 82 52.27 24.32 -7.83
CA HIS C 82 52.88 24.58 -9.13
C HIS C 82 52.16 25.72 -9.86
N LEU C 83 52.91 26.52 -10.62
CA LEU C 83 52.33 27.61 -11.39
C LEU C 83 52.73 27.52 -12.87
N SER C 84 51.84 27.95 -13.75
CA SER C 84 52.07 27.85 -15.19
C SER C 84 51.91 29.20 -15.89
N SER C 85 52.42 29.28 -17.11
CA SER C 85 52.24 30.46 -17.95
C SER C 85 52.33 31.75 -17.15
N LEU C 86 53.32 31.83 -16.27
CA LEU C 86 53.39 32.94 -15.33
C LEU C 86 53.24 34.31 -16.00
N THR C 87 52.42 35.15 -15.38
CA THR C 87 52.13 36.49 -15.87
C THR C 87 52.49 37.49 -14.78
N SER C 88 52.70 38.74 -15.15
CA SER C 88 53.00 39.77 -14.16
C SER C 88 51.93 39.79 -13.08
N VAL C 89 50.70 39.48 -13.49
CA VAL C 89 49.55 39.44 -12.61
C VAL C 89 49.69 38.32 -11.57
N ASP C 90 50.56 37.36 -11.86
CA ASP C 90 50.81 36.27 -10.92
C ASP C 90 51.86 36.61 -9.87
N SER C 91 52.58 37.71 -10.06
CA SER C 91 53.58 38.15 -9.10
C SER C 91 52.92 38.45 -7.77
N ALA C 92 53.35 37.75 -6.72
CA ALA C 92 52.78 37.93 -5.40
C ALA C 92 53.55 37.12 -4.37
N VAL C 93 53.07 37.15 -3.12
CA VAL C 93 53.60 36.30 -2.06
C VAL C 93 52.55 35.27 -1.70
N TYR C 94 52.96 34.00 -1.63
CA TYR C 94 52.02 32.92 -1.43
C TYR C 94 52.18 32.23 -0.09
N PHE C 95 51.11 32.21 0.69
CA PHE C 95 51.09 31.50 1.95
C PHE C 95 50.47 30.12 1.80
N CYS C 96 50.92 29.18 2.63
CA CYS C 96 50.26 27.89 2.74
C CYS C 96 49.85 27.77 4.20
N ALA C 97 48.60 27.37 4.43
CA ALA C 97 48.06 27.34 5.78
C ALA C 97 47.28 26.07 6.05
N ARG C 98 47.19 25.71 7.33
CA ARG C 98 46.62 24.44 7.74
C ARG C 98 45.18 24.61 8.16
N GLY C 99 44.32 23.74 7.63
CA GLY C 99 42.90 23.78 7.92
C GLY C 99 42.46 22.69 8.88
N GLY C 100 41.16 22.39 8.86
CA GLY C 100 40.60 21.36 9.71
C GLY C 100 40.85 19.96 9.18
N TYR C 101 39.98 19.03 9.56
CA TYR C 101 40.07 17.64 9.12
C TYR C 101 39.26 17.38 7.85
N ARG C 102 39.62 16.31 7.15
CA ARG C 102 38.81 15.89 6.02
C ARG C 102 37.42 15.86 6.62
N TYR C 103 36.48 16.59 6.00
CA TYR C 103 35.08 16.65 6.44
C TYR C 103 34.74 17.89 7.28
N ASP C 104 35.73 18.70 7.64
CA ASP C 104 35.48 20.00 8.29
C ASP C 104 35.20 21.05 7.22
N PRO C 105 33.94 21.46 7.08
CA PRO C 105 33.51 22.27 5.93
C PRO C 105 33.79 23.76 6.04
N TYR C 106 33.90 24.30 7.26
CA TYR C 106 33.92 25.76 7.43
C TYR C 106 35.12 26.30 8.22
N TYR C 107 36.18 25.49 8.34
CA TYR C 107 37.28 25.78 9.26
C TYR C 107 37.95 27.12 9.02
N ALA C 108 38.66 27.58 10.05
CA ALA C 108 39.53 28.74 9.93
C ALA C 108 40.95 28.24 9.73
N MET C 109 41.74 28.96 8.93
CA MET C 109 43.11 28.55 8.68
C MET C 109 44.03 28.79 9.88
N ASP C 110 44.58 27.69 10.37
CA ASP C 110 45.21 27.58 11.68
C ASP C 110 46.55 28.29 11.81
N TYR C 111 47.55 27.68 11.20
CA TYR C 111 48.91 28.19 11.25
C TYR C 111 49.36 28.41 9.82
N TRP C 112 50.12 29.48 9.60
CA TRP C 112 50.55 29.83 8.25
C TRP C 112 52.06 29.74 8.09
N GLY C 113 52.53 29.69 6.85
CA GLY C 113 53.94 29.73 6.54
C GLY C 113 54.46 31.15 6.46
N GLN C 114 55.78 31.32 6.49
CA GLN C 114 56.37 32.65 6.45
C GLN C 114 56.10 33.35 5.12
N GLY C 115 55.45 32.63 4.20
CA GLY C 115 55.15 33.16 2.88
C GLY C 115 56.32 32.95 1.94
N THR C 116 56.04 32.96 0.64
CA THR C 116 57.08 32.73 -0.36
C THR C 116 56.93 33.70 -1.53
N SER C 117 57.87 34.63 -1.65
CA SER C 117 57.76 35.70 -2.63
C SER C 117 58.02 35.23 -4.06
N VAL C 118 57.07 35.52 -4.96
CA VAL C 118 57.22 35.17 -6.36
C VAL C 118 57.07 36.38 -7.27
N THR C 119 58.18 36.83 -7.86
CA THR C 119 58.12 37.93 -8.81
C THR C 119 58.28 37.43 -10.23
N VAL C 120 57.40 37.89 -11.12
CA VAL C 120 57.45 37.50 -12.53
C VAL C 120 57.88 38.68 -13.38
N SER C 121 59.08 38.59 -13.95
CA SER C 121 59.64 39.69 -14.72
C SER C 121 60.54 39.16 -15.83
N SER C 122 60.61 39.91 -16.92
CA SER C 122 61.40 39.49 -18.07
C SER C 122 62.68 40.30 -18.16
N ALA C 123 63.32 40.54 -17.02
CA ALA C 123 64.50 41.40 -17.00
C ALA C 123 65.77 40.71 -16.53
N LYS C 124 66.89 41.12 -17.10
CA LYS C 124 68.19 40.55 -16.74
C LYS C 124 68.77 41.33 -15.57
N THR C 125 69.62 40.66 -14.79
CA THR C 125 70.31 41.32 -13.69
C THR C 125 71.07 42.57 -14.16
N THR C 126 70.66 43.73 -13.65
CA THR C 126 71.29 44.99 -14.05
C THR C 126 71.72 45.79 -12.82
N ALA C 127 72.85 46.48 -12.94
CA ALA C 127 73.39 47.23 -11.82
C ALA C 127 72.67 48.56 -11.61
N PRO C 128 72.62 49.01 -10.34
CA PRO C 128 72.00 50.29 -9.95
C PRO C 128 72.79 51.48 -10.47
N SER C 129 72.15 52.65 -10.47
CA SER C 129 72.77 53.85 -11.00
C SER C 129 72.50 55.02 -10.05
N VAL C 130 73.40 55.22 -9.09
CA VAL C 130 73.17 56.19 -8.01
C VAL C 130 73.64 57.62 -8.34
N TYR C 131 72.84 58.60 -7.91
CA TYR C 131 73.15 60.02 -8.12
C TYR C 131 72.97 60.78 -6.81
N PRO C 132 73.81 61.78 -6.57
CA PRO C 132 73.63 62.61 -5.38
C PRO C 132 72.42 63.53 -5.52
N LEU C 133 71.76 63.85 -4.41
CA LEU C 133 70.69 64.85 -4.40
C LEU C 133 71.09 66.06 -3.56
N ALA C 134 71.97 66.88 -4.11
CA ALA C 134 72.47 68.06 -3.42
C ALA C 134 71.46 69.20 -3.50
N PRO C 135 71.16 69.81 -2.35
CA PRO C 135 70.28 70.97 -2.40
C PRO C 135 70.99 72.16 -3.02
N VAL C 136 70.33 73.30 -2.99
CA VAL C 136 70.57 74.29 -4.01
C VAL C 136 70.53 75.74 -3.54
N CYS C 137 71.67 76.40 -3.68
CA CYS C 137 71.91 77.74 -3.13
C CYS C 137 70.72 78.29 -2.38
N GLY C 138 70.31 77.60 -1.33
CA GLY C 138 70.95 76.40 -0.80
C GLY C 138 70.26 76.41 0.53
N ASP C 139 69.25 77.29 0.51
CA ASP C 139 68.90 78.19 1.60
C ASP C 139 68.33 77.57 2.87
N THR C 140 69.24 77.11 3.71
CA THR C 140 68.90 76.43 4.95
C THR C 140 68.23 77.35 5.96
N THR C 141 67.27 76.76 6.68
CA THR C 141 66.77 77.35 7.92
C THR C 141 67.48 76.63 9.06
N GLY C 142 68.31 77.37 9.80
CA GLY C 142 69.00 76.79 10.94
C GLY C 142 69.09 75.27 10.84
N SER C 143 68.58 74.59 11.86
CA SER C 143 68.47 73.13 11.87
C SER C 143 67.18 72.71 11.17
N SER C 144 67.25 71.63 10.41
CA SER C 144 68.51 70.99 10.07
C SER C 144 68.68 71.19 8.57
N VAL C 145 69.30 70.23 7.89
CA VAL C 145 69.35 70.25 6.43
C VAL C 145 69.19 68.85 5.84
N THR C 146 68.53 68.79 4.69
CA THR C 146 68.17 67.50 4.11
C THR C 146 68.91 67.21 2.80
N LEU C 147 69.67 66.12 2.80
CA LEU C 147 70.38 65.66 1.61
C LEU C 147 69.74 64.40 1.07
N GLY C 148 70.04 64.06 -0.18
CA GLY C 148 69.42 62.92 -0.82
C GLY C 148 70.36 62.10 -1.69
N CYS C 149 69.96 60.87 -1.95
CA CYS C 149 70.76 59.94 -2.71
C CYS C 149 69.81 59.04 -3.51
N LEU C 150 69.77 59.23 -4.83
CA LEU C 150 68.85 58.50 -5.71
C LEU C 150 69.51 57.34 -6.44
N VAL C 151 68.98 56.14 -6.27
CA VAL C 151 69.43 55.00 -7.05
C VAL C 151 68.37 54.63 -8.10
N LYS C 152 68.82 54.35 -9.32
CA LYS C 152 67.90 54.23 -10.45
C LYS C 152 68.29 53.10 -11.40
N GLY C 153 67.28 52.50 -12.04
CA GLY C 153 67.49 51.48 -13.05
C GLY C 153 68.18 50.21 -12.58
N TYR C 154 67.74 49.66 -11.45
CA TYR C 154 68.36 48.44 -10.97
C TYR C 154 67.37 47.28 -10.88
N PHE C 155 67.89 46.12 -10.51
CA PHE C 155 67.15 44.88 -10.47
C PHE C 155 68.27 43.87 -10.50
N PRO C 156 67.98 42.58 -10.26
CA PRO C 156 66.87 41.91 -9.58
C PRO C 156 66.91 42.27 -8.11
N GLU C 157 65.82 42.82 -7.62
CA GLU C 157 65.83 43.59 -6.39
C GLU C 157 65.68 42.94 -5.03
N PRO C 158 66.75 43.03 -4.24
CA PRO C 158 66.68 43.89 -3.05
C PRO C 158 67.76 44.97 -3.23
N VAL C 159 67.81 45.94 -2.31
CA VAL C 159 68.92 46.88 -2.29
C VAL C 159 69.03 47.45 -0.88
N THR C 160 70.26 47.60 -0.41
CA THR C 160 70.47 48.08 0.94
C THR C 160 71.25 49.39 0.88
N LEU C 161 70.93 50.30 1.78
CA LEU C 161 71.52 51.63 1.74
C LEU C 161 71.86 52.16 3.14
N THR C 162 73.02 52.79 3.26
CA THR C 162 73.46 53.36 4.53
C THR C 162 74.13 54.71 4.30
N TRP C 163 74.35 55.46 5.38
CA TRP C 163 74.99 56.75 5.27
C TRP C 163 76.31 56.83 6.05
N ASN C 164 77.38 57.17 5.31
CA ASN C 164 78.74 57.17 5.84
C ASN C 164 79.16 55.82 6.42
N SER C 165 79.08 54.78 5.60
CA SER C 165 79.43 53.41 5.97
C SER C 165 78.91 53.10 7.35
N GLY C 166 77.88 53.80 7.76
CA GLY C 166 77.77 53.98 9.19
C GLY C 166 76.56 53.59 9.96
N SER C 167 76.58 54.15 11.15
CA SER C 167 75.38 54.55 11.83
C SER C 167 75.41 56.08 11.89
N LEU C 168 75.43 56.70 10.71
CA LEU C 168 74.95 58.06 10.56
C LEU C 168 73.52 57.81 10.24
N SER C 169 72.76 57.42 11.26
CA SER C 169 71.39 56.99 11.08
C SER C 169 70.50 57.65 12.11
N SER C 170 69.39 58.19 11.61
CA SER C 170 68.35 58.79 12.45
C SER C 170 67.50 59.78 11.66
N GLY C 171 68.17 60.66 10.91
CA GLY C 171 67.48 61.55 10.00
C GLY C 171 67.35 60.88 8.65
N VAL C 172 67.28 59.56 8.68
CA VAL C 172 67.37 58.75 7.46
C VAL C 172 66.12 57.92 7.13
N HIS C 173 65.64 58.09 5.89
CA HIS C 173 64.56 57.26 5.33
C HIS C 173 65.09 56.55 4.10
N THR C 174 64.46 55.44 3.76
CA THR C 174 64.73 54.82 2.47
C THR C 174 63.40 54.43 1.82
N PHE C 175 62.89 55.32 0.96
CA PHE C 175 61.58 55.11 0.34
C PHE C 175 61.48 53.76 -0.38
N PRO C 176 60.28 53.14 -0.32
CA PRO C 176 60.00 51.86 -0.98
C PRO C 176 60.23 51.96 -2.48
N ALA C 177 60.88 50.96 -3.04
CA ALA C 177 61.21 50.96 -4.45
C ALA C 177 59.96 51.00 -5.33
N VAL C 178 59.98 51.87 -6.33
CA VAL C 178 58.89 51.94 -7.30
C VAL C 178 59.33 51.37 -8.65
N LEU C 179 58.49 50.52 -9.23
CA LEU C 179 58.85 49.86 -10.48
C LEU C 179 58.55 50.73 -11.69
N GLN C 180 59.60 51.24 -12.30
CA GLN C 180 59.48 51.91 -13.58
C GLN C 180 59.79 50.88 -14.64
N SER C 181 59.22 51.06 -15.83
CA SER C 181 59.18 50.03 -16.88
C SER C 181 60.31 49.00 -16.83
N ASP C 182 60.07 47.96 -16.04
CA ASP C 182 60.99 46.86 -15.79
C ASP C 182 62.29 47.17 -15.06
N LEU C 183 62.39 48.36 -14.47
CA LEU C 183 63.51 48.69 -13.58
C LEU C 183 63.00 49.24 -12.24
N TYR C 184 63.81 49.06 -11.19
CA TYR C 184 63.46 49.63 -9.90
C TYR C 184 64.19 50.95 -9.66
N THR C 185 63.56 51.83 -8.89
CA THR C 185 64.13 53.13 -8.58
C THR C 185 63.61 53.66 -7.25
N LEU C 186 64.51 54.18 -6.43
CA LEU C 186 64.15 54.72 -5.13
C LEU C 186 65.13 55.81 -4.73
N SER C 187 64.95 56.35 -3.54
CA SER C 187 65.88 57.34 -3.03
C SER C 187 65.89 57.30 -1.52
N SER C 188 66.94 57.86 -0.93
CA SER C 188 67.04 57.95 0.52
C SER C 188 67.03 59.40 0.97
N SER C 189 66.81 59.57 2.26
CA SER C 189 66.72 60.90 2.86
C SER C 189 67.63 60.95 4.08
N VAL C 190 68.34 62.06 4.23
CA VAL C 190 69.14 62.27 5.42
C VAL C 190 69.07 63.73 5.87
N THR C 191 68.69 63.92 7.13
CA THR C 191 68.66 65.24 7.73
C THR C 191 69.77 65.26 8.77
N VAL C 192 70.76 66.13 8.58
CA VAL C 192 71.94 66.10 9.42
C VAL C 192 72.35 67.49 9.88
N THR C 193 71.56 68.05 10.79
CA THR C 193 71.95 69.29 11.46
C THR C 193 72.10 70.40 10.41
N SER C 194 73.26 71.03 10.39
CA SER C 194 73.56 72.04 9.40
C SER C 194 75.04 72.24 9.43
N SER C 195 75.53 72.62 10.61
CA SER C 195 76.95 72.73 10.89
C SER C 195 77.73 71.51 10.44
N THR C 196 77.05 70.43 10.12
CA THR C 196 77.75 69.22 9.74
C THR C 196 78.01 69.10 8.22
N TRP C 197 77.61 70.11 7.45
CA TRP C 197 77.59 70.00 5.99
C TRP C 197 77.17 71.35 5.41
N PRO C 198 77.78 71.77 4.29
CA PRO C 198 78.82 71.07 3.53
C PRO C 198 80.15 71.16 4.25
N SER C 199 80.08 71.35 5.56
CA SER C 199 81.24 71.58 6.38
C SER C 199 82.17 70.37 6.49
N GLN C 200 81.60 69.18 6.32
CA GLN C 200 82.39 67.95 6.27
C GLN C 200 81.79 66.87 5.37
N SER C 201 82.12 65.61 5.63
CA SER C 201 81.81 64.54 4.69
C SER C 201 80.43 63.94 4.90
N ILE C 202 79.76 63.64 3.79
CA ILE C 202 78.48 62.94 3.79
C ILE C 202 78.34 62.04 2.56
N THR C 203 78.54 60.75 2.78
CA THR C 203 78.56 59.75 1.72
C THR C 203 77.42 58.76 1.88
N CYS C 204 76.81 58.37 0.77
CA CYS C 204 75.77 57.34 0.81
C CYS C 204 76.28 56.01 0.28
N ASN C 205 75.93 54.93 0.95
CA ASN C 205 76.46 53.61 0.64
C ASN C 205 75.41 52.67 0.05
N VAL C 206 75.25 52.70 -1.27
CA VAL C 206 74.31 51.83 -1.95
C VAL C 206 74.93 50.49 -2.32
N ALA C 207 74.38 49.42 -1.77
CA ALA C 207 74.85 48.07 -2.09
C ALA C 207 73.76 47.25 -2.78
N HIS C 208 74.18 46.35 -3.67
CA HIS C 208 73.26 45.63 -4.54
C HIS C 208 73.78 44.21 -4.75
N PRO C 209 73.18 43.23 -4.05
CA PRO C 209 73.65 41.84 -3.98
C PRO C 209 73.99 41.20 -5.34
N ALA C 210 73.38 41.67 -6.44
CA ALA C 210 73.95 41.42 -7.75
C ALA C 210 75.28 42.15 -7.68
N SER C 211 76.29 41.39 -7.26
CA SER C 211 77.38 41.82 -6.39
C SER C 211 78.05 43.22 -6.52
N SER C 212 77.27 44.28 -6.75
CA SER C 212 77.86 45.62 -6.92
C SER C 212 77.65 46.57 -5.74
N THR C 213 78.66 47.40 -5.47
CA THR C 213 78.63 48.35 -4.35
C THR C 213 79.29 49.70 -4.69
N LYS C 214 78.66 50.79 -4.27
CA LYS C 214 79.09 52.14 -4.66
C LYS C 214 78.80 53.15 -3.55
N VAL C 215 79.68 54.13 -3.40
CA VAL C 215 79.50 55.19 -2.41
C VAL C 215 79.58 56.56 -3.09
N ASP C 216 78.84 57.55 -2.55
CA ASP C 216 78.77 58.87 -3.17
C ASP C 216 78.86 60.06 -2.19
N LYS C 217 79.22 61.23 -2.72
CA LYS C 217 79.26 62.46 -1.93
C LYS C 217 78.55 63.60 -2.66
N LYS C 218 78.53 64.77 -2.04
CA LYS C 218 77.62 65.82 -2.48
C LYS C 218 78.14 67.25 -2.60
N ILE C 219 77.17 68.16 -2.44
CA ILE C 219 77.19 69.64 -2.44
C ILE C 219 76.89 70.28 -3.84
N GLU C 220 77.15 71.58 -3.98
CA GLU C 220 76.73 72.32 -5.18
C GLU C 220 76.81 73.83 -4.97
N ASP D 1 31.43 33.82 -4.41
CA ASP D 1 31.37 35.18 -4.94
C ASP D 1 30.48 36.06 -4.07
N ILE D 2 30.57 35.86 -2.75
CA ILE D 2 29.98 36.80 -1.82
C ILE D 2 30.94 37.93 -1.57
N LEU D 3 30.43 39.16 -1.55
CA LEU D 3 31.27 40.32 -1.29
C LEU D 3 31.27 40.71 0.19
N LEU D 4 32.36 40.42 0.87
CA LEU D 4 32.59 40.93 2.22
C LEU D 4 33.11 42.35 2.12
N THR D 5 32.56 43.26 2.92
CA THR D 5 32.98 44.64 2.90
C THR D 5 33.34 45.15 4.30
N GLN D 6 34.54 45.68 4.45
CA GLN D 6 35.00 46.20 5.72
C GLN D 6 35.09 47.72 5.74
N SER D 7 34.32 48.34 6.63
CA SER D 7 34.56 49.74 6.97
C SER D 7 35.10 49.72 8.39
N PRO D 8 35.97 50.66 8.73
CA PRO D 8 36.60 51.64 7.82
C PRO D 8 37.76 50.95 7.12
N ALA D 9 38.30 51.55 6.07
CA ALA D 9 39.49 50.99 5.44
C ALA D 9 40.70 51.23 6.34
N ILE D 10 40.83 52.46 6.83
CA ILE D 10 41.89 52.83 7.76
C ILE D 10 41.29 53.42 9.01
N LEU D 11 41.85 53.07 10.16
CA LEU D 11 41.35 53.56 11.42
C LEU D 11 42.50 54.01 12.32
N SER D 12 42.54 55.30 12.64
CA SER D 12 43.52 55.82 13.58
C SER D 12 43.10 55.46 15.00
N VAL D 13 44.06 54.97 15.78
CA VAL D 13 43.75 54.47 17.12
C VAL D 13 44.87 54.76 18.11
N SER D 14 44.50 55.11 19.34
CA SER D 14 45.48 55.36 20.40
C SER D 14 45.49 54.22 21.41
N PRO D 15 46.65 53.99 22.03
CA PRO D 15 46.80 52.91 23.02
C PRO D 15 45.78 53.02 24.15
N GLY D 16 45.12 51.91 24.45
CA GLY D 16 44.13 51.88 25.51
C GLY D 16 42.73 52.25 25.04
N GLU D 17 42.64 52.84 23.85
CA GLU D 17 41.34 53.16 23.26
C GLU D 17 40.54 51.89 23.09
N ARG D 18 39.24 52.04 22.88
CA ARG D 18 38.44 50.93 22.42
C ARG D 18 38.12 51.05 20.92
N VAL D 19 38.03 49.93 20.23
CA VAL D 19 37.83 49.94 18.78
C VAL D 19 36.94 48.80 18.34
N SER D 20 36.15 49.07 17.31
CA SER D 20 35.32 48.05 16.69
C SER D 20 35.46 48.12 15.18
N LEU D 21 35.79 46.98 14.58
CA LEU D 21 35.91 46.86 13.14
C LEU D 21 34.65 46.19 12.60
N SER D 22 34.32 46.47 11.34
CA SER D 22 33.07 45.98 10.76
C SER D 22 33.24 45.20 9.46
N CYS D 23 32.68 44.00 9.43
CA CYS D 23 32.62 43.19 8.22
C CYS D 23 31.16 42.90 7.88
N ARG D 24 30.77 43.17 6.63
CA ARG D 24 29.39 42.97 6.20
C ARG D 24 29.31 42.17 4.91
N ALA D 25 28.60 41.05 4.96
CA ALA D 25 28.50 40.15 3.81
C ALA D 25 27.33 40.48 2.85
N SER D 26 27.50 40.12 1.58
CA SER D 26 26.48 40.34 0.56
C SER D 26 25.16 39.68 0.95
N GLN D 27 25.26 38.65 1.76
CA GLN D 27 24.07 37.92 2.19
C GLN D 27 24.38 37.22 3.50
N SER D 28 23.39 36.51 4.04
CA SER D 28 23.55 35.84 5.32
C SER D 28 24.51 34.65 5.20
N ILE D 29 25.43 34.56 6.14
CA ILE D 29 26.37 33.45 6.20
C ILE D 29 26.36 32.82 7.58
N GLY D 30 25.53 33.35 8.46
CA GLY D 30 25.38 32.80 9.80
C GLY D 30 26.50 33.24 10.72
N THR D 31 27.25 32.26 11.23
CA THR D 31 28.43 32.55 12.05
C THR D 31 29.69 32.05 11.35
N SER D 32 29.54 31.61 10.11
CA SER D 32 30.66 31.06 9.33
C SER D 32 31.66 32.14 8.87
N ILE D 33 32.20 32.88 9.83
CA ILE D 33 33.16 33.94 9.52
C ILE D 33 34.32 33.92 10.51
N HIS D 34 35.49 34.28 10.00
CA HIS D 34 36.67 34.33 10.85
C HIS D 34 37.32 35.70 10.77
N TRP D 35 38.08 36.06 11.81
CA TRP D 35 38.91 37.24 11.81
C TRP D 35 40.39 36.87 11.84
N TYR D 36 41.14 37.39 10.88
CA TYR D 36 42.58 37.20 10.91
C TYR D 36 43.29 38.52 11.15
N GLN D 37 44.46 38.43 11.78
CA GLN D 37 45.35 39.58 11.97
C GLN D 37 46.65 39.37 11.20
N GLN D 38 47.12 40.43 10.56
CA GLN D 38 48.38 40.38 9.83
C GLN D 38 49.21 41.60 10.19
N ARG D 39 50.33 41.39 10.86
CA ARG D 39 51.24 42.49 11.17
C ARG D 39 52.15 42.69 9.97
N THR D 40 52.71 43.89 9.85
CA THR D 40 53.58 44.19 8.73
C THR D 40 54.64 43.12 8.55
N ASN D 41 54.92 42.77 7.29
CA ASN D 41 55.96 41.81 6.94
C ASN D 41 55.68 40.41 7.48
N GLY D 42 54.61 40.31 8.25
CA GLY D 42 54.25 39.07 8.91
C GLY D 42 53.23 38.22 8.17
N SER D 43 52.81 37.15 8.84
CA SER D 43 51.84 36.22 8.31
C SER D 43 50.47 36.40 8.98
N PRO D 44 49.39 36.06 8.28
CA PRO D 44 48.06 36.15 8.89
C PRO D 44 47.95 35.28 10.13
N ARG D 45 46.98 35.62 10.97
CA ARG D 45 46.74 34.89 12.22
C ARG D 45 45.27 34.98 12.62
N PRO D 46 44.66 33.85 12.98
CA PRO D 46 43.26 33.91 13.41
C PRO D 46 43.17 34.52 14.80
N LEU D 47 42.22 35.45 14.97
CA LEU D 47 41.95 36.08 16.26
C LEU D 47 40.64 35.53 16.82
N ILE D 48 39.59 35.63 16.01
CA ILE D 48 38.26 35.16 16.41
C ILE D 48 37.75 34.15 15.39
N LYS D 49 37.15 33.08 15.90
CA LYS D 49 36.70 31.97 15.07
C LYS D 49 35.18 31.90 15.06
N TYR D 50 34.58 31.67 13.91
CA TYR D 50 33.13 31.56 13.81
C TYR D 50 32.40 32.75 14.46
N ALA D 51 32.95 33.94 14.25
CA ALA D 51 32.26 35.20 14.53
C ALA D 51 32.16 35.66 15.99
N SER D 52 32.59 34.84 16.95
CA SER D 52 32.46 35.17 18.36
C SER D 52 33.08 34.06 19.21
N GLU D 53 33.31 32.92 18.58
CA GLU D 53 34.01 31.82 19.22
C GLU D 53 35.49 32.19 19.37
N SER D 54 36.00 32.06 20.59
CA SER D 54 37.35 32.54 20.85
C SER D 54 38.38 31.44 20.68
N ILE D 55 39.64 31.84 20.50
CA ILE D 55 40.73 30.90 20.25
C ILE D 55 41.76 30.88 21.38
N SER D 56 42.26 29.69 21.70
CA SER D 56 43.24 29.52 22.77
C SER D 56 44.46 30.35 22.46
N GLY D 57 44.84 31.22 23.40
CA GLY D 57 46.04 32.03 23.24
C GLY D 57 45.77 33.51 23.06
N ILE D 58 44.83 33.85 22.19
CA ILE D 58 44.54 35.26 21.93
C ILE D 58 44.03 35.94 23.20
N PRO D 59 44.56 37.14 23.49
CA PRO D 59 44.25 37.97 24.66
C PRO D 59 42.76 38.23 24.83
N SER D 60 42.38 38.62 26.04
CA SER D 60 40.98 38.84 26.39
C SER D 60 40.37 40.04 25.66
N ARG D 61 41.19 41.00 25.28
CA ARG D 61 40.68 42.23 24.69
C ARG D 61 40.03 41.99 23.33
N PHE D 62 40.36 40.88 22.68
CA PHE D 62 39.74 40.54 21.42
C PHE D 62 38.46 39.74 21.62
N SER D 63 37.43 40.07 20.85
CA SER D 63 36.17 39.34 20.86
C SER D 63 35.38 39.65 19.61
N GLY D 64 34.51 38.73 19.21
CA GLY D 64 33.69 38.90 18.02
C GLY D 64 32.21 38.93 18.32
N SER D 65 31.43 39.48 17.40
CA SER D 65 29.99 39.59 17.59
C SER D 65 29.27 39.73 16.26
N GLY D 66 28.07 39.13 16.17
CA GLY D 66 27.25 39.26 14.98
C GLY D 66 26.67 37.96 14.46
N SER D 67 25.75 38.07 13.51
CA SER D 67 25.15 36.90 12.87
C SER D 67 24.39 37.25 11.59
N GLY D 68 24.59 36.45 10.56
CA GLY D 68 23.90 36.65 9.30
C GLY D 68 24.62 37.51 8.28
N THR D 69 24.49 38.82 8.40
CA THR D 69 24.95 39.73 7.35
C THR D 69 26.02 40.71 7.82
N ASP D 70 26.11 40.91 9.13
CA ASP D 70 26.78 42.08 9.67
C ASP D 70 27.55 41.78 10.95
N PHE D 71 28.88 41.83 10.89
CA PHE D 71 29.72 41.42 12.02
C PHE D 71 30.65 42.50 12.56
N THR D 72 31.31 42.19 13.66
CA THR D 72 32.23 43.13 14.31
C THR D 72 33.37 42.46 15.06
N LEU D 73 34.58 42.99 14.88
CA LEU D 73 35.71 42.58 15.71
C LEU D 73 35.97 43.67 16.74
N ASN D 74 36.12 43.29 17.99
CA ASN D 74 36.21 44.28 19.07
C ASN D 74 37.51 44.21 19.86
N ILE D 75 38.25 45.30 19.88
CA ILE D 75 39.47 45.39 20.67
C ILE D 75 39.22 46.22 21.93
N ASN D 76 39.18 45.57 23.07
CA ASN D 76 38.82 46.20 24.34
C ASN D 76 39.67 47.42 24.69
N SER D 77 40.94 47.17 24.98
CA SER D 77 41.90 48.24 25.26
C SER D 77 43.09 48.10 24.33
N VAL D 78 43.03 48.80 23.19
CA VAL D 78 44.03 48.66 22.13
C VAL D 78 45.47 48.76 22.63
N GLU D 79 46.31 47.84 22.17
CA GLU D 79 47.72 47.84 22.53
C GLU D 79 48.60 48.17 21.34
N SER D 80 49.86 48.47 21.59
CA SER D 80 50.78 48.81 20.52
C SER D 80 50.91 47.66 19.52
N GLU D 81 50.95 46.43 20.02
CA GLU D 81 51.13 45.26 19.16
C GLU D 81 49.90 45.02 18.28
N ASP D 82 48.84 45.78 18.54
CA ASP D 82 47.60 45.66 17.79
C ASP D 82 47.60 46.43 16.47
N ILE D 83 48.71 47.10 16.16
CA ILE D 83 48.79 47.84 14.90
C ILE D 83 49.07 46.87 13.76
N ALA D 84 48.04 46.61 12.97
CA ALA D 84 48.14 45.61 11.92
C ALA D 84 46.96 45.72 10.98
N ASP D 85 46.97 44.91 9.93
CA ASP D 85 45.80 44.75 9.07
C ASP D 85 44.89 43.68 9.66
N TYR D 86 43.59 43.84 9.48
CA TYR D 86 42.63 42.87 9.99
C TYR D 86 41.69 42.42 8.88
N PHE D 87 41.71 41.12 8.59
CA PHE D 87 40.89 40.57 7.52
C PHE D 87 39.79 39.67 8.06
N CYS D 88 38.57 39.90 7.59
CA CYS D 88 37.47 38.99 7.86
C CYS D 88 37.34 38.02 6.69
N GLN D 89 37.18 36.74 7.00
CA GLN D 89 37.06 35.72 5.98
C GLN D 89 35.70 35.05 6.06
N GLN D 90 35.10 34.80 4.91
CA GLN D 90 33.80 34.13 4.84
C GLN D 90 33.98 32.71 4.36
N THR D 91 33.33 31.77 5.02
CA THR D 91 33.58 30.35 4.77
C THR D 91 32.29 29.57 4.56
N ASP D 92 31.18 30.28 4.40
CA ASP D 92 29.87 29.67 4.25
C ASP D 92 29.63 29.20 2.82
N SER D 93 29.45 30.15 1.92
CA SER D 93 29.18 29.84 0.53
C SER D 93 30.47 29.71 -0.27
N TRP D 94 30.47 28.83 -1.26
CA TRP D 94 31.58 28.70 -2.20
C TRP D 94 31.64 29.89 -3.16
N PRO D 95 32.84 30.44 -3.39
CA PRO D 95 34.09 30.07 -2.73
C PRO D 95 34.34 30.96 -1.50
N THR D 96 35.29 30.54 -0.67
CA THR D 96 35.65 31.31 0.51
C THR D 96 36.26 32.63 0.06
N THR D 97 35.89 33.71 0.74
CA THR D 97 36.38 35.04 0.37
C THR D 97 36.78 35.89 1.57
N PHE D 98 37.65 36.86 1.33
CA PHE D 98 38.08 37.77 2.39
C PHE D 98 37.58 39.18 2.13
N GLY D 99 37.61 40.02 3.17
CA GLY D 99 37.31 41.44 3.01
C GLY D 99 38.53 42.18 2.47
N ALA D 100 38.35 43.47 2.20
CA ALA D 100 39.44 44.30 1.70
C ALA D 100 40.48 44.60 2.80
N GLY D 101 40.13 44.23 4.03
CA GLY D 101 41.00 44.43 5.17
C GLY D 101 40.85 45.79 5.81
N THR D 102 41.01 45.85 7.12
CA THR D 102 41.03 47.12 7.83
C THR D 102 42.41 47.38 8.42
N LYS D 103 42.98 48.54 8.13
CA LYS D 103 44.31 48.88 8.61
C LYS D 103 44.24 49.80 9.83
N LEU D 104 45.04 49.49 10.84
CA LEU D 104 45.16 50.35 12.03
C LEU D 104 46.46 51.15 12.00
N GLU D 105 46.34 52.47 12.15
CA GLU D 105 47.50 53.34 12.29
C GLU D 105 47.52 53.92 13.70
N LEU D 106 48.71 54.25 14.18
CA LEU D 106 48.86 54.78 15.52
C LEU D 106 48.67 56.30 15.56
N LYS D 107 47.80 56.75 16.44
CA LYS D 107 47.45 58.17 16.48
C LYS D 107 48.54 58.99 17.15
N ARG D 108 48.80 60.18 16.62
CA ARG D 108 49.78 61.10 17.19
C ARG D 108 49.44 62.53 16.81
N ALA D 109 50.26 63.47 17.28
CA ALA D 109 50.05 64.87 16.99
C ALA D 109 50.33 65.18 15.52
N ASP D 110 49.53 66.06 14.92
CA ASP D 110 49.71 66.45 13.53
C ASP D 110 51.06 67.15 13.35
N ALA D 111 51.72 66.90 12.23
CA ALA D 111 53.03 67.51 11.95
C ALA D 111 53.14 67.87 10.48
N ALA D 112 53.62 69.08 10.21
CA ALA D 112 53.73 69.57 8.84
C ALA D 112 54.92 68.94 8.14
N PRO D 113 54.79 68.67 6.84
CA PRO D 113 55.87 68.02 6.08
C PRO D 113 57.08 68.93 5.96
N THR D 114 58.27 68.33 5.99
CA THR D 114 59.48 69.04 5.66
C THR D 114 59.80 68.79 4.18
N VAL D 115 59.52 69.77 3.33
CA VAL D 115 59.71 69.60 1.90
C VAL D 115 61.07 70.07 1.39
N SER D 116 61.75 69.20 0.66
CA SER D 116 63.07 69.50 0.11
C SER D 116 63.14 69.13 -1.36
N ILE D 117 63.40 70.10 -2.22
CA ILE D 117 63.49 69.84 -3.65
C ILE D 117 64.94 69.62 -4.07
N PHE D 118 65.14 68.84 -5.13
CA PHE D 118 66.48 68.51 -5.61
C PHE D 118 66.53 68.48 -7.14
N PRO D 119 67.36 69.34 -7.73
CA PRO D 119 67.56 69.36 -9.18
C PRO D 119 68.42 68.19 -9.61
N PRO D 120 68.24 67.72 -10.84
CA PRO D 120 68.97 66.58 -11.39
C PRO D 120 70.47 66.80 -11.31
N SER D 121 71.22 65.72 -11.08
CA SER D 121 72.67 65.82 -10.99
C SER D 121 73.34 65.88 -12.36
N SER D 122 74.58 66.36 -12.39
CA SER D 122 75.33 66.46 -13.63
C SER D 122 75.39 65.10 -14.31
N GLU D 123 75.30 64.05 -13.52
CA GLU D 123 75.48 62.68 -14.00
C GLU D 123 74.24 62.13 -14.70
N GLN D 124 73.07 62.35 -14.12
CA GLN D 124 71.84 61.94 -14.76
C GLN D 124 71.71 62.70 -16.08
N LEU D 125 72.10 63.97 -16.06
CA LEU D 125 72.09 64.79 -17.25
C LEU D 125 73.13 64.31 -18.25
N THR D 126 74.09 63.52 -17.79
CA THR D 126 75.08 62.96 -18.71
C THR D 126 74.51 61.70 -19.37
N SER D 127 73.19 61.59 -19.46
CA SER D 127 72.55 60.42 -20.06
C SER D 127 71.28 60.82 -20.85
N GLY D 128 71.03 62.11 -20.92
CA GLY D 128 69.77 62.70 -21.37
C GLY D 128 68.61 62.45 -20.41
N GLY D 129 68.87 61.70 -19.35
CA GLY D 129 67.90 61.55 -18.27
C GLY D 129 67.91 62.77 -17.38
N ALA D 130 66.79 63.04 -16.74
CA ALA D 130 66.67 64.22 -15.85
C ALA D 130 65.50 64.02 -14.89
N SER D 131 65.80 63.66 -13.65
CA SER D 131 64.75 63.36 -12.69
C SER D 131 64.83 64.25 -11.45
N VAL D 132 63.93 65.23 -11.40
CA VAL D 132 63.82 66.09 -10.23
C VAL D 132 63.16 65.33 -9.08
N VAL D 133 63.76 65.41 -7.91
CA VAL D 133 63.23 64.72 -6.73
C VAL D 133 62.71 65.70 -5.69
N CYS D 134 61.59 65.35 -5.06
CA CYS D 134 61.02 66.16 -4.00
C CYS D 134 60.80 65.28 -2.78
N PHE D 135 61.23 65.76 -1.63
CA PHE D 135 61.01 65.04 -0.37
C PHE D 135 59.90 65.70 0.42
N LEU D 136 59.11 64.88 1.10
CA LEU D 136 58.14 65.38 2.06
C LEU D 136 58.33 64.52 3.28
N ASN D 137 59.02 65.05 4.29
CA ASN D 137 59.44 64.21 5.40
C ASN D 137 58.73 64.46 6.72
N ASN D 138 58.42 63.36 7.41
CA ASN D 138 58.01 63.40 8.80
C ASN D 138 56.73 64.19 9.09
N PHE D 139 55.70 63.93 8.30
CA PHE D 139 54.41 64.58 8.54
C PHE D 139 53.36 63.61 9.08
N TYR D 140 52.22 64.15 9.49
CA TYR D 140 51.09 63.37 9.99
C TYR D 140 49.81 64.21 9.93
N PRO D 141 48.68 63.61 9.51
CA PRO D 141 48.41 62.22 9.11
C PRO D 141 48.98 61.85 7.75
N LYS D 142 48.62 60.67 7.25
CA LYS D 142 49.18 60.18 6.01
C LYS D 142 48.65 60.90 4.77
N ASP D 143 47.40 61.35 4.83
CA ASP D 143 46.78 62.00 3.67
C ASP D 143 47.51 63.27 3.28
N ILE D 144 47.95 63.33 2.03
CA ILE D 144 48.68 64.49 1.55
C ILE D 144 48.60 64.57 0.02
N ASN D 145 48.72 65.79 -0.51
CA ASN D 145 48.70 65.99 -1.95
C ASN D 145 49.93 66.75 -2.45
N VAL D 146 50.54 66.23 -3.51
CA VAL D 146 51.68 66.90 -4.13
C VAL D 146 51.31 67.37 -5.52
N LYS D 147 51.69 68.60 -5.84
CA LYS D 147 51.48 69.15 -7.16
C LYS D 147 52.80 69.63 -7.73
N TRP D 148 53.17 69.14 -8.90
CA TRP D 148 54.33 69.66 -9.59
C TRP D 148 53.88 70.74 -10.56
N LYS D 149 54.76 71.69 -10.82
CA LYS D 149 54.51 72.68 -11.87
C LYS D 149 55.77 73.37 -12.39
N ILE D 150 55.96 73.30 -13.70
CA ILE D 150 57.11 73.88 -14.37
C ILE D 150 56.76 75.20 -15.03
N ASP D 151 57.57 76.23 -14.76
CA ASP D 151 57.35 77.55 -15.34
C ASP D 151 55.91 78.01 -15.14
N GLY D 152 55.41 77.84 -13.91
CA GLY D 152 54.05 78.22 -13.58
C GLY D 152 53.04 77.14 -13.94
N SER D 153 53.07 76.68 -15.18
CA SER D 153 52.14 75.65 -15.64
C SER D 153 52.25 74.38 -14.80
N GLU D 154 51.09 73.78 -14.49
CA GLU D 154 51.05 72.56 -13.70
C GLU D 154 51.35 71.30 -14.51
N ARG D 155 52.20 70.44 -13.94
CA ARG D 155 52.56 69.17 -14.57
C ARG D 155 51.76 68.05 -13.92
N GLN D 156 51.58 66.93 -14.64
CA GLN D 156 50.81 65.81 -14.12
C GLN D 156 51.33 64.49 -14.68
N ASN D 157 52.29 64.58 -15.61
CA ASN D 157 52.73 63.42 -16.36
C ASN D 157 54.20 63.08 -16.14
N GLY D 158 54.46 61.82 -15.77
CA GLY D 158 55.81 61.35 -15.56
C GLY D 158 56.26 61.40 -14.11
N VAL D 159 55.33 61.72 -13.21
CA VAL D 159 55.64 61.75 -11.78
C VAL D 159 55.40 60.38 -11.12
N LEU D 160 56.33 59.97 -10.27
CA LEU D 160 56.18 58.72 -9.53
C LEU D 160 56.36 58.95 -8.03
N ASN D 161 55.31 58.66 -7.27
CA ASN D 161 55.35 58.86 -5.83
C ASN D 161 55.62 57.56 -5.07
N SER D 162 56.31 57.70 -3.95
CA SER D 162 56.54 56.56 -3.09
C SER D 162 56.24 56.97 -1.65
N TRP D 163 55.45 56.15 -0.96
CA TRP D 163 55.10 56.42 0.44
C TRP D 163 55.74 55.39 1.34
N THR D 164 56.10 55.79 2.55
CA THR D 164 56.57 54.84 3.55
C THR D 164 55.44 54.62 4.54
N ASP D 165 55.45 53.49 5.23
CA ASP D 165 54.46 53.27 6.29
C ASP D 165 54.91 53.93 7.60
N GLN D 166 54.00 53.97 8.56
CA GLN D 166 54.20 54.75 9.78
C GLN D 166 55.53 54.42 10.44
N ASP D 167 56.29 55.47 10.79
CA ASP D 167 57.59 55.30 11.43
C ASP D 167 57.47 54.61 12.79
N SER D 168 58.42 53.73 13.08
CA SER D 168 58.32 52.88 14.27
C SER D 168 58.57 53.59 15.60
N LYS D 169 59.11 54.81 15.53
CA LYS D 169 59.37 55.61 16.72
C LYS D 169 58.79 57.01 16.55
N ASP D 170 59.09 57.60 15.40
CA ASP D 170 58.60 58.91 15.04
C ASP D 170 57.08 58.89 14.81
N SER D 171 56.57 57.75 14.36
CA SER D 171 55.14 57.60 14.03
C SER D 171 54.62 58.62 13.01
N THR D 172 55.50 59.04 12.11
CA THR D 172 55.07 59.92 11.03
C THR D 172 55.21 59.23 9.70
N TYR D 173 54.86 59.93 8.63
CA TYR D 173 54.99 59.39 7.29
C TYR D 173 55.89 60.30 6.46
N SER D 174 56.51 59.71 5.43
CA SER D 174 57.31 60.47 4.49
C SER D 174 57.07 59.91 3.10
N MET D 175 57.09 60.78 2.10
CA MET D 175 56.90 60.33 0.73
C MET D 175 57.85 61.07 -0.21
N SER D 176 58.36 60.33 -1.20
CA SER D 176 59.26 60.90 -2.18
C SER D 176 58.60 60.96 -3.56
N SER D 177 58.49 62.16 -4.10
CA SER D 177 57.99 62.34 -5.45
C SER D 177 59.14 62.48 -6.43
N THR D 178 59.34 61.48 -7.28
CA THR D 178 60.44 61.49 -8.23
C THR D 178 59.96 61.77 -9.65
N LEU D 179 60.24 62.97 -10.14
CA LEU D 179 59.80 63.37 -11.48
C LEU D 179 60.88 63.13 -12.53
N THR D 180 60.77 62.01 -13.25
CA THR D 180 61.79 61.65 -14.24
C THR D 180 61.48 62.24 -15.62
N LEU D 181 62.44 62.97 -16.18
CA LEU D 181 62.25 63.66 -17.46
C LEU D 181 63.40 63.42 -18.43
N THR D 182 63.23 63.94 -19.65
CA THR D 182 64.31 63.94 -20.62
C THR D 182 65.10 65.23 -20.46
N LYS D 183 66.42 65.15 -20.64
CA LYS D 183 67.27 66.33 -20.52
C LYS D 183 66.75 67.43 -21.41
N ASP D 184 66.50 67.08 -22.66
CA ASP D 184 66.09 68.06 -23.65
C ASP D 184 64.86 68.84 -23.22
N GLU D 185 63.88 68.12 -22.67
CA GLU D 185 62.67 68.75 -22.17
C GLU D 185 62.98 69.57 -20.93
N TYR D 186 63.97 69.11 -20.17
CA TYR D 186 64.43 69.80 -18.98
C TYR D 186 65.06 71.14 -19.35
N GLU D 187 65.95 71.11 -20.35
CA GLU D 187 66.69 72.30 -20.77
C GLU D 187 65.76 73.44 -21.17
N ARG D 188 64.49 73.12 -21.40
CA ARG D 188 63.53 74.04 -21.99
C ARG D 188 63.00 75.09 -21.01
N HIS D 189 62.95 74.73 -19.73
CA HIS D 189 62.39 75.66 -18.75
C HIS D 189 63.38 75.98 -17.63
N ASN D 190 62.82 76.54 -16.56
CA ASN D 190 63.41 76.42 -15.23
C ASN D 190 62.72 77.19 -14.10
N SER D 191 61.57 76.68 -13.69
CA SER D 191 61.07 76.93 -12.36
C SER D 191 60.46 75.60 -12.01
N TYR D 192 60.94 74.99 -10.93
CA TYR D 192 60.50 73.65 -10.62
C TYR D 192 60.00 73.58 -9.21
N THR D 193 58.89 74.27 -8.98
CA THR D 193 58.20 74.22 -7.71
C THR D 193 57.51 72.87 -7.54
N CYS D 194 57.71 72.24 -6.40
CA CYS D 194 56.85 71.12 -6.01
C CYS D 194 56.01 71.55 -4.82
N GLU D 195 54.70 71.42 -4.95
CA GLU D 195 53.76 72.04 -4.03
C GLU D 195 53.14 71.01 -3.10
N ALA D 196 53.41 71.16 -1.81
CA ALA D 196 52.87 70.21 -0.82
C ALA D 196 51.67 70.79 -0.07
N THR D 197 50.53 70.09 -0.17
CA THR D 197 49.35 70.50 0.56
C THR D 197 48.96 69.42 1.57
N HIS D 198 48.78 69.82 2.82
CA HIS D 198 48.61 68.88 3.91
C HIS D 198 47.65 69.46 4.93
N LYS D 199 47.00 68.59 5.70
CA LYS D 199 46.01 69.00 6.68
C LYS D 199 46.44 70.24 7.47
N THR D 200 47.69 70.22 7.94
CA THR D 200 48.22 71.25 8.82
C THR D 200 47.87 72.70 8.42
N SER D 201 47.95 73.00 7.13
CA SER D 201 47.72 74.37 6.69
C SER D 201 46.97 74.47 5.39
N THR D 202 46.16 75.52 5.27
CA THR D 202 45.41 75.80 4.06
C THR D 202 46.32 76.44 3.02
N SER D 203 47.56 76.69 3.42
CA SER D 203 48.54 77.26 2.51
C SER D 203 49.56 76.21 2.12
N PRO D 204 49.75 76.00 0.81
CA PRO D 204 50.72 75.01 0.31
C PRO D 204 52.16 75.42 0.63
N ILE D 205 52.99 74.43 0.92
CA ILE D 205 54.39 74.67 1.20
C ILE D 205 55.24 74.39 -0.04
N VAL D 206 55.57 75.45 -0.79
CA VAL D 206 56.29 75.30 -2.05
C VAL D 206 57.81 75.38 -1.92
N LYS D 207 58.50 74.55 -2.71
CA LYS D 207 59.95 74.60 -2.81
C LYS D 207 60.34 74.46 -4.26
N SER D 208 61.18 75.37 -4.75
CA SER D 208 61.59 75.33 -6.15
C SER D 208 63.06 75.70 -6.32
N PHE D 209 63.56 75.45 -7.53
CA PHE D 209 64.89 75.88 -7.89
C PHE D 209 64.85 76.55 -9.25
N ASN D 210 65.86 77.38 -9.49
CA ASN D 210 66.00 78.06 -10.78
C ASN D 210 67.30 77.61 -11.46
N ARG D 211 67.69 78.28 -12.55
CA ARG D 211 68.86 77.87 -13.33
C ARG D 211 69.55 79.10 -13.90
N PRO E 52 -1.12 6.54 -8.92
CA PRO E 52 -0.86 7.97 -8.79
C PRO E 52 -0.16 8.31 -7.48
N SER E 53 -0.12 9.59 -7.16
CA SER E 53 0.57 10.07 -5.98
C SER E 53 -0.38 10.41 -4.83
N PHE E 54 0.11 10.25 -3.61
CA PHE E 54 -0.68 10.54 -2.41
C PHE E 54 0.24 11.00 -1.28
N TYR E 55 -0.33 11.69 -0.30
CA TYR E 55 0.43 12.04 0.90
C TYR E 55 0.17 10.96 1.94
N THR E 56 -1.09 10.55 2.03
CA THR E 56 -1.46 9.41 2.84
C THR E 56 -2.40 8.52 2.02
N HIS E 57 -2.31 7.22 2.23
CA HIS E 57 -3.16 6.27 1.52
C HIS E 57 -3.70 5.25 2.49
N THR E 58 -4.89 5.51 3.03
CA THR E 58 -5.54 4.55 3.91
C THR E 58 -6.12 3.42 3.06
N ILE E 59 -5.85 2.18 3.46
CA ILE E 59 -6.47 1.05 2.78
C ILE E 59 -7.50 0.39 3.71
N VAL E 60 -8.74 0.32 3.24
CA VAL E 60 -9.87 -0.18 4.04
C VAL E 60 -10.14 -1.67 3.84
N ASN E 61 -10.08 -2.43 4.93
CA ASN E 61 -10.38 -3.86 4.91
C ASN E 61 -11.79 -4.11 5.41
N ILE E 62 -12.69 -4.47 4.50
CA ILE E 62 -14.08 -4.75 4.85
C ILE E 62 -14.33 -6.25 4.92
N THR E 63 -14.85 -6.71 6.05
CA THR E 63 -15.13 -8.13 6.23
C THR E 63 -16.61 -8.46 6.11
N ILE E 64 -16.94 -9.30 5.14
CA ILE E 64 -18.32 -9.66 4.87
C ILE E 64 -18.52 -11.16 5.10
N ASP E 65 -18.91 -11.54 6.31
CA ASP E 65 -19.20 -12.94 6.63
C ASP E 65 -20.59 -13.37 6.16
N LEU E 66 -20.68 -13.93 4.97
CA LEU E 66 -21.99 -14.36 4.47
C LEU E 66 -22.38 -15.78 4.89
N GLY E 67 -23.59 -15.92 5.40
CA GLY E 67 -24.12 -17.23 5.76
C GLY E 67 -24.99 -17.80 4.67
N MET E 68 -24.95 -19.12 4.50
CA MET E 68 -25.67 -19.78 3.41
C MET E 68 -26.49 -20.99 3.87
N LYS E 69 -27.68 -21.10 3.29
CA LYS E 69 -28.54 -22.28 3.45
C LYS E 69 -28.92 -22.74 2.06
N ARG E 70 -29.55 -23.91 1.95
CA ARG E 70 -30.05 -24.39 0.67
C ARG E 70 -31.47 -24.92 0.79
N SER E 71 -32.28 -24.67 -0.25
CA SER E 71 -33.70 -25.02 -0.20
C SER E 71 -33.95 -26.50 -0.47
N GLY E 72 -35.20 -26.91 -0.33
CA GLY E 72 -35.57 -28.30 -0.52
C GLY E 72 -35.11 -28.93 -1.82
N TYR E 73 -35.00 -28.12 -2.87
CA TYR E 73 -34.57 -28.62 -4.17
C TYR E 73 -33.08 -28.40 -4.43
N GLY E 74 -32.31 -28.16 -3.38
CA GLY E 74 -30.88 -27.93 -3.51
C GLY E 74 -30.49 -26.56 -4.02
N GLN E 75 -31.41 -25.60 -3.92
CA GLN E 75 -31.14 -24.24 -4.35
C GLN E 75 -30.48 -23.46 -3.22
N PRO E 76 -29.34 -22.82 -3.51
CA PRO E 76 -28.55 -22.01 -2.56
C PRO E 76 -29.29 -20.74 -2.15
N ILE E 77 -29.21 -20.37 -0.88
CA ILE E 77 -29.93 -19.21 -0.38
C ILE E 77 -29.10 -18.44 0.63
N ALA E 78 -28.63 -17.26 0.22
CA ALA E 78 -27.80 -16.42 1.08
C ALA E 78 -28.62 -15.81 2.21
N SER E 79 -28.30 -16.20 3.44
CA SER E 79 -29.04 -15.76 4.61
C SER E 79 -28.96 -14.24 4.73
N THR E 80 -30.10 -13.60 4.96
CA THR E 80 -30.11 -12.17 5.19
C THR E 80 -29.58 -11.89 6.59
N LEU E 81 -28.63 -10.98 6.69
CA LEU E 81 -27.81 -10.83 7.89
C LEU E 81 -26.65 -11.84 7.98
N SER E 82 -26.09 -12.14 6.82
CA SER E 82 -24.68 -12.42 6.71
C SER E 82 -24.12 -11.11 7.23
N ASN E 83 -23.02 -11.16 7.98
CA ASN E 83 -22.54 -9.95 8.62
C ASN E 83 -21.43 -9.27 7.86
N ILE E 84 -21.46 -7.95 7.89
CA ILE E 84 -20.36 -7.15 7.37
C ILE E 84 -19.87 -6.16 8.43
N THR E 85 -18.56 -6.08 8.58
CA THR E 85 -17.95 -5.26 9.62
C THR E 85 -17.00 -4.22 9.05
N LEU E 86 -17.17 -2.99 9.50
CA LEU E 86 -16.29 -1.90 9.10
C LEU E 86 -15.30 -1.58 10.22
N PRO E 87 -14.11 -1.07 9.85
CA PRO E 87 -13.12 -0.66 10.85
C PRO E 87 -13.71 0.37 11.82
N MET E 88 -13.29 0.34 13.08
CA MET E 88 -13.72 1.31 14.06
C MET E 88 -13.19 2.69 13.70
N GLN E 89 -13.68 3.72 14.38
CA GLN E 89 -13.26 5.09 14.11
C GLN E 89 -13.95 6.06 15.05
N ASP E 90 -13.23 6.52 16.07
CA ASP E 90 -13.76 7.44 17.08
C ASP E 90 -14.61 6.69 18.10
N ASN E 91 -15.36 7.43 18.93
CA ASN E 91 -16.35 6.80 19.79
C ASN E 91 -17.48 6.34 18.92
N ASN E 92 -17.14 5.56 17.90
CA ASN E 92 -18.10 5.19 16.88
C ASN E 92 -17.56 4.11 15.95
N THR E 93 -18.32 3.04 15.82
CA THR E 93 -18.22 2.18 14.66
C THR E 93 -19.62 1.81 14.20
N ASP E 94 -19.82 2.00 12.90
CA ASP E 94 -21.11 1.95 12.24
C ASP E 94 -20.79 2.56 10.90
N VAL E 95 -20.05 3.66 10.96
CA VAL E 95 -19.64 4.39 9.78
C VAL E 95 -18.14 4.73 9.82
N TYR E 96 -17.52 4.75 8.65
CA TYR E 96 -16.11 5.07 8.54
C TYR E 96 -15.85 6.05 7.40
N CYS E 97 -15.66 7.33 7.73
CA CYS E 97 -15.18 8.30 6.77
C CYS E 97 -13.69 8.10 6.52
N ILE E 98 -13.22 8.38 5.31
CA ILE E 98 -11.81 8.19 5.00
C ILE E 98 -11.05 9.51 5.05
N ARG E 99 -10.33 9.73 6.14
CA ARG E 99 -9.55 10.95 6.34
C ARG E 99 -8.23 10.88 5.61
N SER E 100 -8.29 10.86 4.28
CA SER E 100 -7.10 10.64 3.46
C SER E 100 -7.28 11.15 2.05
N ASP E 101 -6.16 11.41 1.37
CA ASP E 101 -6.20 11.91 0.00
C ASP E 101 -6.22 10.77 -1.02
N GLN E 102 -6.11 9.55 -0.51
CA GLN E 102 -6.20 8.35 -1.35
C GLN E 102 -6.50 7.11 -0.52
N PHE E 103 -7.19 6.15 -1.12
CA PHE E 103 -7.57 4.94 -0.41
C PHE E 103 -7.94 3.84 -1.37
N SER E 104 -7.74 2.60 -0.93
CA SER E 104 -8.13 1.45 -1.73
C SER E 104 -8.98 0.57 -0.83
N VAL E 105 -9.79 -0.29 -1.43
CA VAL E 105 -10.65 -1.14 -0.64
C VAL E 105 -10.33 -2.62 -0.82
N TYR E 106 -10.40 -3.36 0.28
CA TYR E 106 -10.09 -4.76 0.27
C TYR E 106 -11.22 -5.51 0.94
N VAL E 107 -11.94 -6.31 0.16
CA VAL E 107 -13.04 -7.09 0.71
C VAL E 107 -12.51 -8.44 1.20
N HIS E 108 -12.96 -8.82 2.39
CA HIS E 108 -12.63 -10.12 2.95
C HIS E 108 -13.91 -10.93 3.16
N SER E 109 -14.11 -11.94 2.31
CA SER E 109 -15.30 -12.80 2.40
C SER E 109 -15.07 -14.06 3.22
N THR E 110 -16.11 -14.47 3.93
CA THR E 110 -16.12 -15.74 4.65
C THR E 110 -17.53 -16.32 4.57
N CYS E 111 -17.61 -17.58 4.16
CA CYS E 111 -18.90 -18.25 4.07
C CYS E 111 -19.07 -19.34 5.13
N LYS E 112 -20.30 -19.50 5.60
CA LYS E 112 -20.64 -20.55 6.54
C LYS E 112 -21.98 -21.16 6.11
N SER E 113 -22.08 -22.48 6.19
CA SER E 113 -23.32 -23.17 5.85
C SER E 113 -24.29 -23.22 7.02
N SER E 114 -25.49 -23.73 6.75
CA SER E 114 -26.53 -23.81 7.78
C SER E 114 -27.61 -24.82 7.40
N LEU E 115 -28.28 -25.37 8.41
CA LEU E 115 -29.27 -26.44 8.21
C LEU E 115 -30.66 -26.11 8.75
N TRP E 116 -31.15 -27.02 9.59
CA TRP E 116 -32.42 -26.84 10.30
C TRP E 116 -32.32 -25.58 11.15
N ASP E 117 -31.09 -25.27 11.52
CA ASP E 117 -30.82 -24.14 12.38
C ASP E 117 -30.37 -22.96 11.56
N ASN E 118 -30.13 -21.85 12.25
CA ASN E 118 -29.06 -20.95 11.85
C ASN E 118 -27.98 -21.22 12.88
N ILE E 119 -27.22 -22.29 12.64
CA ILE E 119 -26.01 -22.58 13.37
C ILE E 119 -24.95 -22.49 12.30
N PHE E 120 -24.42 -21.30 12.10
CA PHE E 120 -23.65 -21.08 10.90
C PHE E 120 -22.33 -21.83 10.87
N LYS E 121 -22.25 -22.89 11.67
CA LYS E 121 -21.18 -23.85 11.58
C LYS E 121 -21.27 -24.80 10.38
N ARG E 122 -20.30 -24.61 9.50
CA ARG E 122 -19.82 -25.62 8.58
C ARG E 122 -19.12 -24.97 7.41
N ASN E 123 -18.32 -25.77 6.74
CA ASN E 123 -17.81 -25.36 5.44
C ASN E 123 -19.01 -25.07 4.54
N CYS E 124 -18.71 -24.56 3.36
CA CYS E 124 -19.74 -24.04 2.49
C CYS E 124 -19.35 -24.57 1.12
N THR E 125 -19.23 -25.89 0.99
CA THR E 125 -18.74 -26.52 -0.24
C THR E 125 -19.87 -27.03 -1.10
N ASP E 126 -19.52 -27.57 -2.27
CA ASP E 126 -20.46 -27.75 -3.36
C ASP E 126 -21.04 -26.37 -3.69
N VAL E 127 -22.08 -26.31 -4.52
CA VAL E 127 -22.64 -25.02 -4.95
C VAL E 127 -22.77 -24.03 -3.79
N LEU E 128 -23.05 -24.55 -2.60
CA LEU E 128 -23.34 -23.72 -1.44
C LEU E 128 -22.25 -22.70 -1.08
N ASP E 129 -21.09 -22.80 -1.73
CA ASP E 129 -19.97 -21.90 -1.48
C ASP E 129 -20.35 -20.42 -1.64
N ALA E 130 -19.39 -19.53 -1.45
CA ALA E 130 -19.67 -18.11 -1.60
C ALA E 130 -18.42 -17.23 -1.56
N THR E 131 -18.49 -16.14 -2.31
CA THR E 131 -17.51 -15.08 -2.22
C THR E 131 -18.30 -13.77 -2.22
N ALA E 132 -18.23 -13.03 -1.13
CA ALA E 132 -18.96 -11.77 -1.01
C ALA E 132 -18.52 -10.80 -2.09
N VAL E 133 -19.48 -10.18 -2.76
CA VAL E 133 -19.19 -9.23 -3.80
C VAL E 133 -19.93 -7.94 -3.50
N ILE E 134 -19.27 -6.82 -3.72
CA ILE E 134 -19.88 -5.53 -3.44
C ILE E 134 -20.33 -4.89 -4.74
N LYS E 135 -21.60 -4.48 -4.80
CA LYS E 135 -22.18 -4.04 -6.07
C LYS E 135 -22.82 -2.67 -6.04
N THR E 136 -22.63 -1.91 -7.13
CA THR E 136 -23.30 -0.63 -7.30
C THR E 136 -24.78 -0.79 -6.94
N GLY E 137 -25.16 -0.24 -5.80
CA GLY E 137 -26.52 -0.41 -5.31
C GLY E 137 -27.45 0.62 -5.90
N THR E 138 -27.31 1.85 -5.43
CA THR E 138 -28.16 2.94 -5.90
C THR E 138 -27.32 4.16 -6.28
N CYS E 139 -26.01 4.10 -6.01
CA CYS E 139 -25.10 5.21 -6.34
C CYS E 139 -24.43 5.02 -7.70
N PRO E 140 -24.15 6.15 -8.38
CA PRO E 140 -23.63 6.20 -9.76
C PRO E 140 -22.29 5.51 -9.96
N PHE E 141 -21.44 5.52 -8.94
CA PHE E 141 -20.15 4.86 -9.05
C PHE E 141 -20.24 3.36 -8.76
N SER E 142 -19.29 2.62 -9.31
CA SER E 142 -19.35 1.16 -9.30
C SER E 142 -18.58 0.49 -8.16
N PHE E 143 -17.47 1.10 -7.75
CA PHE E 143 -16.56 0.52 -6.77
C PHE E 143 -15.65 -0.51 -7.42
N ASP E 144 -15.69 -0.55 -8.75
CA ASP E 144 -14.81 -1.41 -9.52
C ASP E 144 -14.00 -0.61 -10.56
N LYS E 145 -13.20 -1.34 -11.32
CA LYS E 145 -12.38 -0.75 -12.36
C LYS E 145 -13.28 -0.34 -13.52
N LEU E 146 -13.58 0.94 -13.61
CA LEU E 146 -13.82 1.54 -14.93
C LEU E 146 -12.74 2.58 -15.26
N ASN E 147 -11.90 2.34 -16.24
CA ASN E 147 -10.54 2.91 -16.19
C ASN E 147 -10.18 4.00 -15.22
N ASN E 148 -10.59 5.24 -15.47
CA ASN E 148 -10.09 6.32 -14.64
C ASN E 148 -10.59 6.21 -13.21
N TYR E 149 -10.18 7.13 -12.35
CA TYR E 149 -10.44 7.03 -10.91
C TYR E 149 -11.63 7.78 -10.31
N LEU E 150 -12.22 7.20 -9.27
CA LEU E 150 -13.26 7.88 -8.52
C LEU E 150 -12.62 9.06 -7.83
N THR E 151 -13.41 10.11 -7.65
CA THR E 151 -12.94 11.28 -6.97
C THR E 151 -14.02 11.79 -6.04
N PHE E 152 -13.63 12.19 -4.85
CA PHE E 152 -14.58 12.62 -3.84
C PHE E 152 -13.98 13.78 -3.05
N ASN E 153 -14.83 14.53 -2.36
CA ASN E 153 -14.36 15.41 -1.31
C ASN E 153 -14.69 14.77 0.03
N LYS E 154 -15.40 13.66 -0.05
CA LYS E 154 -15.88 12.94 1.13
C LYS E 154 -16.39 11.58 0.71
N PHE E 155 -16.27 10.60 1.61
CA PHE E 155 -16.68 9.25 1.28
C PHE E 155 -16.70 8.43 2.55
N CYS E 156 -17.90 8.01 2.94
CA CYS E 156 -18.08 7.27 4.18
C CYS E 156 -19.00 6.06 3.97
N LEU E 157 -18.65 4.95 4.61
CA LEU E 157 -19.45 3.74 4.50
C LEU E 157 -20.22 3.49 5.81
N SER E 158 -21.54 3.43 5.71
CA SER E 158 -22.39 3.28 6.89
C SER E 158 -23.12 1.94 6.94
N LEU E 159 -23.16 1.35 8.14
CA LEU E 159 -23.91 0.13 8.38
C LEU E 159 -25.34 0.51 8.71
N SER E 160 -25.60 1.82 8.78
CA SER E 160 -26.92 2.33 9.08
C SER E 160 -27.39 3.30 7.99
N PRO E 161 -28.62 3.11 7.50
CA PRO E 161 -29.22 3.85 6.39
C PRO E 161 -29.52 5.32 6.71
N VAL E 162 -28.80 5.89 7.67
CA VAL E 162 -29.10 7.25 8.12
C VAL E 162 -28.26 8.32 7.39
N GLY E 163 -28.94 9.23 6.71
CA GLY E 163 -28.29 10.33 6.02
C GLY E 163 -27.39 9.85 4.88
N ALA E 164 -27.61 8.62 4.43
CA ALA E 164 -26.79 8.04 3.40
C ALA E 164 -27.20 8.57 2.04
N ASN E 165 -26.25 8.71 1.13
CA ASN E 165 -26.56 9.12 -0.22
C ASN E 165 -27.05 7.94 -1.06
N CYS E 166 -26.37 6.81 -0.96
CA CYS E 166 -26.80 5.63 -1.71
C CYS E 166 -26.48 4.29 -1.04
N LYS E 167 -26.69 3.21 -1.78
CA LYS E 167 -26.46 1.86 -1.28
C LYS E 167 -25.43 1.13 -2.12
N PHE E 168 -24.84 0.09 -1.54
CA PHE E 168 -24.12 -0.91 -2.32
C PHE E 168 -24.84 -2.22 -2.03
N ASP E 169 -25.10 -3.00 -3.06
CA ASP E 169 -25.74 -4.29 -2.86
C ASP E 169 -24.69 -5.37 -2.62
N VAL E 170 -24.39 -5.65 -1.36
CA VAL E 170 -23.50 -6.76 -1.06
C VAL E 170 -24.25 -8.07 -1.32
N ALA E 171 -23.67 -8.90 -2.17
CA ALA E 171 -24.33 -10.12 -2.60
C ALA E 171 -23.39 -11.31 -2.43
N ALA E 172 -23.90 -12.52 -2.69
CA ALA E 172 -23.09 -13.72 -2.63
C ALA E 172 -22.98 -14.37 -4.00
N ARG E 173 -21.82 -14.22 -4.64
CA ARG E 173 -21.60 -14.90 -5.92
C ARG E 173 -21.39 -16.38 -5.70
N THR E 174 -21.94 -17.17 -6.61
CA THR E 174 -21.69 -18.60 -6.64
C THR E 174 -21.75 -19.02 -8.10
N ARG E 175 -21.31 -20.24 -8.38
CA ARG E 175 -21.34 -20.77 -9.73
C ARG E 175 -22.75 -20.68 -10.30
N THR E 176 -23.73 -20.78 -9.41
CA THR E 176 -25.13 -21.05 -9.77
C THR E 176 -26.01 -19.80 -9.85
N ASN E 177 -25.75 -18.83 -8.98
CA ASN E 177 -26.49 -17.57 -8.96
C ASN E 177 -25.90 -16.62 -7.94
N GLU E 178 -26.41 -15.39 -7.92
CA GLU E 178 -25.87 -14.38 -7.04
C GLU E 178 -27.00 -13.63 -6.36
N GLN E 179 -26.83 -13.32 -5.08
CA GLN E 179 -27.96 -12.91 -4.25
C GLN E 179 -27.64 -11.81 -3.22
N VAL E 180 -28.32 -10.69 -3.35
CA VAL E 180 -28.11 -9.55 -2.47
C VAL E 180 -28.51 -9.88 -1.03
N VAL E 181 -27.64 -9.58 -0.08
CA VAL E 181 -27.85 -10.01 1.31
C VAL E 181 -28.03 -8.86 2.29
N ARG E 182 -27.16 -7.85 2.18
CA ARG E 182 -27.24 -6.67 3.02
C ARG E 182 -27.03 -5.44 2.17
N SER E 183 -26.99 -4.27 2.80
CA SER E 183 -26.74 -3.03 2.08
C SER E 183 -25.55 -2.29 2.69
N LEU E 184 -24.68 -1.77 1.84
CA LEU E 184 -23.62 -0.87 2.28
C LEU E 184 -23.98 0.56 1.92
N TYR E 185 -24.39 1.33 2.92
CA TYR E 185 -24.77 2.71 2.71
C TYR E 185 -23.51 3.55 2.60
N VAL E 186 -23.54 4.56 1.75
CA VAL E 186 -22.35 5.34 1.49
C VAL E 186 -22.66 6.83 1.38
N ILE E 187 -22.11 7.62 2.30
CA ILE E 187 -22.22 9.07 2.27
C ILE E 187 -21.02 9.68 1.55
N TYR E 188 -21.28 10.46 0.51
CA TYR E 188 -20.19 11.03 -0.27
C TYR E 188 -20.51 12.45 -0.75
N GLU E 189 -19.47 13.13 -1.24
CA GLU E 189 -19.61 14.45 -1.83
C GLU E 189 -18.68 14.58 -3.03
N GLU E 190 -19.24 14.97 -4.17
CA GLU E 190 -18.44 15.13 -5.39
C GLU E 190 -17.35 16.17 -5.24
N GLY E 191 -16.12 15.78 -5.57
CA GLY E 191 -15.00 16.69 -5.44
C GLY E 191 -13.76 16.23 -6.17
N ASP E 192 -12.59 16.57 -5.62
CA ASP E 192 -11.32 16.19 -6.21
C ASP E 192 -10.23 16.15 -5.15
N ASN E 193 -10.61 15.85 -3.92
CA ASN E 193 -9.68 15.75 -2.80
C ASN E 193 -9.25 14.30 -2.55
N ILE E 194 -10.24 13.42 -2.40
CA ILE E 194 -9.98 12.01 -2.15
C ILE E 194 -10.02 11.22 -3.46
N VAL E 195 -9.16 10.21 -3.57
CA VAL E 195 -9.06 9.43 -4.79
C VAL E 195 -9.11 7.95 -4.48
N LEU E 196 -10.00 7.22 -5.17
CA LEU E 196 -10.15 5.79 -4.97
C LEU E 196 -9.37 4.98 -6.01
N VAL E 197 -8.63 3.97 -5.53
CA VAL E 197 -7.90 3.08 -6.43
C VAL E 197 -8.24 1.62 -6.17
N PRO E 198 -8.21 0.80 -7.23
CA PRO E 198 -8.51 -0.65 -7.16
C PRO E 198 -7.51 -1.38 -6.26
N ARG E 199 -7.80 -2.60 -5.80
CA ARG E 199 -8.93 -3.47 -6.20
C ARG E 199 -8.72 -4.19 -7.53
N PRO F 52 0.71 -9.10 8.22
CA PRO F 52 -0.24 -9.39 9.29
C PRO F 52 -1.63 -8.93 8.91
N SER F 53 -2.54 -8.90 9.88
CA SER F 53 -3.90 -8.46 9.64
C SER F 53 -4.03 -6.97 9.95
N PHE F 54 -5.17 -6.40 9.55
CA PHE F 54 -5.46 -5.01 9.87
C PHE F 54 -6.87 -4.61 9.45
N TYR F 55 -7.35 -3.52 10.03
CA TYR F 55 -8.62 -2.94 9.62
C TYR F 55 -8.36 -1.78 8.69
N THR F 56 -7.64 -0.79 9.23
CA THR F 56 -7.13 0.32 8.45
C THR F 56 -5.62 0.18 8.37
N HIS F 57 -5.07 0.39 7.19
CA HIS F 57 -3.63 0.47 7.03
C HIS F 57 -3.26 1.75 6.30
N THR F 58 -2.83 2.75 7.05
CA THR F 58 -2.40 4.00 6.46
C THR F 58 -0.99 3.87 5.90
N ILE F 59 -0.80 4.41 4.70
CA ILE F 59 0.54 4.52 4.15
C ILE F 59 0.92 5.98 4.13
N VAL F 60 1.79 6.37 5.05
CA VAL F 60 2.26 7.75 5.10
C VAL F 60 3.39 7.97 4.10
N ASN F 61 3.39 9.14 3.47
CA ASN F 61 4.41 9.49 2.49
C ASN F 61 5.14 10.76 2.92
N ILE F 62 6.34 10.59 3.48
CA ILE F 62 7.15 11.73 3.87
C ILE F 62 8.18 12.05 2.79
N THR F 63 8.00 13.21 2.16
CA THR F 63 8.93 13.66 1.14
C THR F 63 9.99 14.58 1.74
N ILE F 64 11.24 14.23 1.53
CA ILE F 64 12.36 15.03 2.02
C ILE F 64 13.10 15.71 0.87
N ASP F 65 13.02 17.04 0.82
CA ASP F 65 13.67 17.79 -0.25
C ASP F 65 15.09 18.24 0.15
N LEU F 66 16.10 17.52 -0.34
CA LEU F 66 17.48 17.83 0.00
C LEU F 66 18.02 18.98 -0.82
N GLY F 67 18.80 19.83 -0.16
CA GLY F 67 19.49 20.91 -0.85
C GLY F 67 20.99 20.78 -0.65
N MET F 68 21.68 20.47 -1.75
CA MET F 68 23.12 20.25 -1.67
C MET F 68 23.91 21.39 -2.30
N LYS F 69 24.85 21.93 -1.52
CA LYS F 69 25.80 22.92 -2.00
C LYS F 69 27.20 22.54 -1.54
N ARG F 70 28.20 23.21 -2.07
CA ARG F 70 29.57 23.01 -1.61
C ARG F 70 30.03 24.25 -0.84
N SER F 71 30.78 24.03 0.22
CA SER F 71 31.13 25.09 1.15
C SER F 71 32.28 25.96 0.67
N GLY F 72 32.81 26.77 1.59
CA GLY F 72 33.90 27.66 1.28
C GLY F 72 35.07 27.00 0.58
N TYR F 73 35.37 25.76 0.93
CA TYR F 73 36.53 25.08 0.36
C TYR F 73 36.17 23.90 -0.55
N GLY F 74 34.95 23.92 -1.09
CA GLY F 74 34.51 22.88 -2.01
C GLY F 74 34.17 21.55 -1.35
N GLN F 75 33.73 21.59 -0.11
CA GLN F 75 33.30 20.38 0.58
C GLN F 75 31.81 20.23 0.38
N PRO F 76 31.35 19.02 0.01
CA PRO F 76 29.91 18.80 -0.14
C PRO F 76 29.26 18.86 1.22
N ILE F 77 28.14 19.56 1.31
CA ILE F 77 27.34 19.56 2.54
C ILE F 77 25.86 19.60 2.19
N ALA F 78 25.05 19.01 3.06
CA ALA F 78 23.61 19.19 3.02
C ALA F 78 23.29 20.56 3.58
N SER F 79 22.40 21.28 2.92
CA SER F 79 22.00 22.57 3.43
C SER F 79 21.19 22.34 4.69
N THR F 80 20.97 23.41 5.44
CA THR F 80 20.11 23.32 6.62
C THR F 80 18.65 23.57 6.24
N LEU F 81 18.45 24.37 5.19
CA LEU F 81 17.11 24.61 4.69
C LEU F 81 16.71 23.55 3.66
N SER F 82 17.18 22.33 3.89
CA SER F 82 16.64 21.16 3.20
C SER F 82 15.29 20.84 3.82
N ASN F 83 14.24 20.85 3.01
CA ASN F 83 12.88 20.72 3.53
C ASN F 83 12.39 19.29 3.75
N ILE F 84 11.39 19.15 4.61
CA ILE F 84 10.79 17.85 4.83
C ILE F 84 9.31 18.02 5.19
N THR F 85 8.44 17.67 4.24
CA THR F 85 7.02 17.93 4.42
C THR F 85 6.26 16.67 4.80
N LEU F 86 5.34 16.82 5.76
CA LEU F 86 4.50 15.72 6.20
C LEU F 86 3.04 15.86 5.74
N PRO F 87 2.30 14.74 5.71
CA PRO F 87 0.89 14.76 5.31
C PRO F 87 0.02 15.67 6.18
N MET F 88 -0.86 16.44 5.55
CA MET F 88 -1.74 17.38 6.27
C MET F 88 -2.82 16.67 7.09
N GLN F 89 -2.88 16.95 8.39
CA GLN F 89 -3.85 16.29 9.25
C GLN F 89 -4.42 17.22 10.31
N ASP F 90 -5.75 17.22 10.46
CA ASP F 90 -6.40 18.14 11.39
C ASP F 90 -5.84 19.54 11.19
N ASN F 91 -5.51 19.80 9.93
CA ASN F 91 -4.88 21.04 9.46
C ASN F 91 -3.56 21.47 10.11
N ASN F 92 -2.60 20.56 10.22
CA ASN F 92 -1.24 20.98 10.47
C ASN F 92 -0.20 19.96 10.10
N THR F 93 0.62 20.32 9.12
CA THR F 93 1.88 19.64 8.97
C THR F 93 2.63 20.01 10.24
N ASP F 94 3.88 19.60 10.35
CA ASP F 94 4.63 19.77 11.60
C ASP F 94 4.20 18.72 12.61
N VAL F 95 3.15 17.99 12.26
CA VAL F 95 2.68 16.89 13.07
C VAL F 95 1.66 16.03 12.32
N TYR F 96 1.75 14.72 12.47
CA TYR F 96 0.78 13.81 11.89
C TYR F 96 0.71 12.56 12.75
N CYS F 97 -0.39 12.39 13.47
CA CYS F 97 -0.60 11.20 14.26
C CYS F 97 -1.38 10.20 13.43
N ILE F 98 -0.84 8.99 13.30
CA ILE F 98 -1.51 7.97 12.51
C ILE F 98 -2.73 7.46 13.27
N ARG F 99 -3.80 7.18 12.52
CA ARG F 99 -5.06 6.78 13.12
C ARG F 99 -5.52 5.48 12.50
N SER F 100 -4.60 4.52 12.50
CA SER F 100 -4.85 3.19 11.97
C SER F 100 -4.26 2.14 12.90
N ASP F 101 -4.63 0.88 12.70
CA ASP F 101 -4.07 -0.19 13.51
C ASP F 101 -2.89 -0.85 12.80
N GLN F 102 -2.42 -0.19 11.75
CA GLN F 102 -1.27 -0.65 10.98
C GLN F 102 -0.91 0.42 9.96
N PHE F 103 0.39 0.56 9.67
CA PHE F 103 0.86 1.61 8.78
C PHE F 103 2.32 1.40 8.37
N SER F 104 2.60 1.72 7.12
CA SER F 104 3.97 1.71 6.63
C SER F 104 4.37 3.15 6.31
N VAL F 105 5.67 3.39 6.17
CA VAL F 105 6.16 4.72 5.79
C VAL F 105 6.88 4.66 4.46
N TYR F 106 6.81 5.75 3.71
CA TYR F 106 7.47 5.84 2.43
C TYR F 106 8.25 7.14 2.33
N VAL F 107 9.57 7.03 2.25
CA VAL F 107 10.39 8.21 2.13
C VAL F 107 10.60 8.56 0.65
N HIS F 108 10.23 9.77 0.27
CA HIS F 108 10.47 10.25 -1.08
C HIS F 108 11.60 11.28 -1.08
N SER F 109 12.75 10.89 -1.62
CA SER F 109 13.92 11.78 -1.66
C SER F 109 14.00 12.59 -2.95
N THR F 110 14.43 13.84 -2.83
CA THR F 110 14.70 14.69 -3.98
C THR F 110 15.95 15.47 -3.65
N CYS F 111 16.71 15.86 -4.67
CA CYS F 111 17.91 16.63 -4.44
C CYS F 111 18.12 17.71 -5.50
N LYS F 112 18.12 18.97 -5.05
CA LYS F 112 18.50 20.06 -5.92
C LYS F 112 19.84 20.64 -5.46
N SER F 113 20.66 21.04 -6.42
CA SER F 113 21.97 21.62 -6.13
C SER F 113 21.87 23.14 -6.03
N SER F 114 22.89 23.77 -5.42
CA SER F 114 22.94 25.22 -5.32
C SER F 114 24.32 25.71 -5.72
N LEU F 115 24.42 27.00 -6.00
CA LEU F 115 25.71 27.58 -6.35
C LEU F 115 26.29 28.37 -5.19
N TRP F 116 26.35 29.69 -5.32
CA TRP F 116 26.81 30.50 -4.19
C TRP F 116 25.61 31.08 -3.43
N ASP F 117 24.57 31.51 -4.16
CA ASP F 117 23.33 31.90 -3.52
C ASP F 117 22.52 30.65 -3.23
N ASN F 118 21.61 30.73 -2.27
CA ASN F 118 20.85 29.56 -1.83
C ASN F 118 19.84 29.01 -2.84
N ILE F 119 19.87 29.50 -4.07
CA ILE F 119 18.96 29.02 -5.10
C ILE F 119 19.24 27.56 -5.46
N PHE F 120 18.33 26.66 -5.05
CA PHE F 120 18.48 25.26 -5.37
C PHE F 120 17.70 24.91 -6.63
N LYS F 121 18.29 25.22 -7.78
CA LYS F 121 17.62 25.03 -9.05
C LYS F 121 18.44 24.13 -9.97
N ARG F 122 19.50 23.54 -9.40
CA ARG F 122 20.36 22.61 -10.15
C ARG F 122 20.04 21.17 -9.79
N ASN F 123 20.62 20.25 -10.51
CA ASN F 123 20.49 18.82 -10.26
C ASN F 123 21.72 18.32 -9.53
N CYS F 124 21.63 17.40 -8.66
CA CYS F 124 22.76 16.96 -7.86
C CYS F 124 23.61 15.92 -8.56
N THR F 125 24.50 16.37 -9.44
CA THR F 125 25.38 15.47 -10.18
C THR F 125 26.61 15.15 -9.32
N ASP F 126 27.60 14.52 -9.93
CA ASP F 126 28.89 14.26 -9.28
C ASP F 126 28.76 13.74 -7.86
N VAL F 127 29.52 14.33 -6.94
CA VAL F 127 29.45 13.94 -5.53
C VAL F 127 28.47 14.81 -4.73
N LEU F 128 27.97 15.86 -5.37
CA LEU F 128 26.88 16.63 -4.80
C LEU F 128 25.61 15.79 -4.85
N ASP F 129 25.76 14.58 -5.39
CA ASP F 129 24.69 13.59 -5.55
C ASP F 129 24.18 13.06 -4.21
N ALA F 130 22.87 12.99 -4.04
CA ALA F 130 22.30 12.70 -2.72
C ALA F 130 21.08 11.78 -2.67
N THR F 131 20.80 11.29 -1.47
CA THR F 131 19.64 10.47 -1.20
C THR F 131 19.25 10.60 0.27
N ALA F 132 18.08 11.17 0.54
CA ALA F 132 17.59 11.32 1.92
C ALA F 132 17.45 9.98 2.60
N VAL F 133 17.86 9.91 3.86
CA VAL F 133 17.76 8.68 4.63
C VAL F 133 17.34 8.99 6.05
N ILE F 134 16.34 8.27 6.55
CA ILE F 134 15.93 8.42 7.95
C ILE F 134 16.66 7.40 8.84
N LYS F 135 17.35 7.91 9.85
CA LYS F 135 18.08 7.05 10.78
C LYS F 135 17.52 7.22 12.18
N THR F 136 17.75 6.23 13.05
CA THR F 136 17.30 6.31 14.44
C THR F 136 18.13 7.34 15.18
N GLY F 137 17.47 8.39 15.65
CA GLY F 137 18.14 9.42 16.42
C GLY F 137 18.21 9.04 17.88
N THR F 138 17.47 9.77 18.71
CA THR F 138 17.48 9.52 20.15
C THR F 138 16.49 8.44 20.57
N CYS F 139 15.65 7.99 19.65
CA CYS F 139 14.68 6.93 19.97
C CYS F 139 15.07 5.52 19.55
N PRO F 140 14.60 4.52 20.30
CA PRO F 140 15.00 3.11 20.27
C PRO F 140 14.58 2.38 19.01
N PHE F 141 13.29 2.46 18.71
CA PHE F 141 12.73 1.75 17.57
C PHE F 141 13.28 2.24 16.23
N SER F 142 12.85 1.61 15.15
CA SER F 142 13.46 1.82 13.84
C SER F 142 12.52 1.56 12.67
N PHE F 143 12.32 2.61 11.86
CA PHE F 143 11.65 2.47 10.59
C PHE F 143 12.43 1.44 9.84
N ASP F 144 13.74 1.69 9.83
CA ASP F 144 14.67 1.17 8.85
C ASP F 144 14.48 -0.32 8.60
N LYS F 145 14.43 -1.08 9.69
CA LYS F 145 14.05 -2.49 9.61
C LYS F 145 14.51 -3.23 10.83
N LEU F 146 13.74 -4.25 11.18
CA LEU F 146 14.15 -5.21 12.17
C LEU F 146 13.47 -6.44 11.64
N ASN F 147 13.26 -7.41 12.51
CA ASN F 147 12.28 -8.43 12.24
C ASN F 147 11.06 -8.14 13.13
N ASN F 148 10.73 -9.08 14.01
CA ASN F 148 9.34 -9.20 14.48
C ASN F 148 8.43 -8.04 14.01
N TYR F 149 8.04 -7.10 14.88
CA TYR F 149 7.13 -6.02 14.44
C TYR F 149 6.85 -4.95 15.50
N LEU F 150 7.22 -3.71 15.21
CA LEU F 150 7.04 -2.61 16.16
C LEU F 150 5.58 -2.39 16.56
N THR F 151 5.36 -2.03 17.82
CA THR F 151 4.02 -1.79 18.34
C THR F 151 3.92 -0.40 18.98
N PHE F 152 2.72 0.17 18.94
CA PHE F 152 2.48 1.47 19.58
C PHE F 152 1.00 1.58 19.93
N ASN F 153 0.68 2.53 20.82
CA ASN F 153 -0.70 2.92 21.06
C ASN F 153 -0.94 4.29 20.46
N LYS F 154 0.16 4.97 20.16
CA LYS F 154 0.12 6.30 19.59
C LYS F 154 1.47 6.56 18.95
N PHE F 155 1.46 7.22 17.79
CA PHE F 155 2.70 7.50 17.08
C PHE F 155 2.54 8.68 16.12
N CYS F 156 2.99 9.85 16.56
CA CYS F 156 3.00 11.04 15.73
C CYS F 156 4.36 11.26 15.05
N LEU F 157 4.33 11.96 13.93
CA LEU F 157 5.56 12.44 13.30
C LEU F 157 5.52 13.96 13.39
N SER F 158 6.68 14.57 13.61
CA SER F 158 6.71 15.99 13.95
C SER F 158 7.86 16.78 13.34
N LEU F 159 7.50 17.80 12.56
CA LEU F 159 8.46 18.75 12.02
C LEU F 159 8.90 19.71 13.11
N SER F 160 7.90 20.29 13.80
CA SER F 160 8.13 21.17 14.94
C SER F 160 8.03 20.34 16.20
N PRO F 161 9.14 19.71 16.60
CA PRO F 161 8.87 18.91 17.80
C PRO F 161 9.19 19.61 19.10
N VAL F 162 8.12 20.17 19.64
CA VAL F 162 7.94 20.32 21.06
C VAL F 162 7.28 19.00 21.43
N GLY F 163 7.25 18.67 22.71
CA GLY F 163 6.55 17.48 23.16
C GLY F 163 6.98 16.19 22.49
N ALA F 164 8.22 16.14 22.03
CA ALA F 164 8.76 14.92 21.40
C ALA F 164 9.27 13.91 22.42
N ASN F 165 9.18 12.62 22.08
CA ASN F 165 9.75 11.57 22.92
C ASN F 165 11.11 11.15 22.41
N CYS F 166 11.42 11.55 21.19
CA CYS F 166 12.73 11.31 20.62
C CYS F 166 12.84 11.96 19.25
N LYS F 167 14.04 11.93 18.68
CA LYS F 167 14.25 12.30 17.30
C LYS F 167 14.55 11.04 16.54
N PHE F 168 14.52 11.16 15.22
CA PHE F 168 15.55 10.51 14.45
C PHE F 168 16.05 11.45 13.36
N ASP F 169 17.32 11.25 13.00
CA ASP F 169 18.04 12.21 12.17
C ASP F 169 17.83 11.91 10.68
N VAL F 170 17.31 12.89 9.95
CA VAL F 170 17.26 12.76 8.50
C VAL F 170 18.64 13.11 7.99
N ALA F 171 19.13 12.33 7.02
CA ALA F 171 20.49 12.46 6.55
C ALA F 171 20.57 12.39 5.04
N ALA F 172 21.74 12.72 4.50
CA ALA F 172 21.97 12.62 3.07
C ALA F 172 23.11 11.64 2.80
N ARG F 173 22.88 10.69 1.90
CA ARG F 173 23.91 9.71 1.56
C ARG F 173 24.64 10.05 0.27
N THR F 174 25.94 9.87 0.30
CA THR F 174 26.80 10.09 -0.85
C THR F 174 27.89 9.02 -0.87
N ARG F 175 29.03 9.35 -1.49
CA ARG F 175 30.21 8.49 -1.46
C ARG F 175 31.46 9.21 -0.98
N THR F 176 31.74 9.03 0.30
CA THR F 176 30.82 8.30 1.15
C THR F 176 30.79 9.00 2.50
N ASN F 177 29.74 9.80 2.70
CA ASN F 177 29.59 10.52 3.94
C ASN F 177 28.12 10.77 4.29
N GLU F 178 27.88 11.04 5.57
CA GLU F 178 26.54 11.27 6.05
C GLU F 178 26.45 12.68 6.59
N GLN F 179 25.30 13.29 6.38
CA GLN F 179 25.04 14.54 7.04
C GLN F 179 23.61 14.63 7.57
N VAL F 180 23.51 14.60 8.88
CA VAL F 180 22.26 14.83 9.55
C VAL F 180 21.86 16.26 9.25
N VAL F 181 20.93 16.46 8.32
CA VAL F 181 20.51 17.79 7.95
C VAL F 181 19.39 18.31 8.85
N ARG F 182 18.37 17.51 9.05
CA ARG F 182 17.27 17.94 9.92
C ARG F 182 16.86 16.84 10.88
N SER F 183 16.06 17.21 11.86
CA SER F 183 15.54 16.22 12.78
C SER F 183 14.04 16.00 12.56
N LEU F 184 13.68 14.72 12.44
CA LEU F 184 12.27 14.34 12.36
C LEU F 184 11.94 13.65 13.68
N TYR F 185 11.49 14.42 14.65
CA TYR F 185 11.24 13.86 15.96
C TYR F 185 9.85 13.24 15.98
N VAL F 186 9.66 12.26 16.86
CA VAL F 186 8.41 11.53 16.90
C VAL F 186 7.79 11.54 18.30
N ILE F 187 6.47 11.59 18.36
CA ILE F 187 5.75 11.46 19.61
C ILE F 187 5.05 10.12 19.63
N TYR F 188 5.23 9.35 20.71
CA TYR F 188 4.62 8.04 20.76
C TYR F 188 4.40 7.54 22.18
N GLU F 189 3.40 6.67 22.34
CA GLU F 189 3.16 5.99 23.60
C GLU F 189 3.35 4.50 23.39
N GLU F 190 4.13 3.87 24.26
CA GLU F 190 4.33 2.42 24.14
C GLU F 190 2.99 1.72 24.31
N GLY F 191 2.78 0.66 23.54
CA GLY F 191 1.53 -0.07 23.57
C GLY F 191 1.45 -1.01 22.39
N ASP F 192 0.27 -1.60 22.16
CA ASP F 192 0.11 -2.61 21.11
C ASP F 192 -1.06 -2.35 20.15
N ASN F 193 -1.73 -1.22 20.28
CA ASN F 193 -2.83 -0.87 19.39
C ASN F 193 -2.44 -0.79 17.91
N ILE F 194 -1.23 -0.26 17.65
CA ILE F 194 -0.78 0.07 16.29
C ILE F 194 0.49 -0.69 15.87
N VAL F 195 0.59 -0.97 14.58
CA VAL F 195 1.67 -1.84 14.09
C VAL F 195 2.39 -1.28 12.86
N LEU F 196 3.72 -1.31 12.89
CA LEU F 196 4.56 -0.80 11.79
C LEU F 196 5.07 -1.87 10.82
N VAL F 197 5.16 -1.53 9.54
CA VAL F 197 5.57 -2.46 8.48
C VAL F 197 6.42 -1.75 7.42
N PRO F 198 7.57 -2.32 7.07
CA PRO F 198 8.65 -1.72 6.26
C PRO F 198 8.41 -1.40 4.78
N ARG F 199 9.29 -1.98 3.96
CA ARG F 199 9.59 -1.48 2.60
C ARG F 199 9.48 -2.52 1.46
#